data_4XCG
#
_entry.id   4XCG
#
_cell.length_a   145.776
_cell.length_b   145.776
_cell.length_c   248.092
_cell.angle_alpha   90.000
_cell.angle_beta   90.000
_cell.angle_gamma   90.000
#
_symmetry.space_group_name_H-M   'I 4 2 2'
#
loop_
_entity.id
_entity.type
_entity.pdbx_description
1 polymer 'Thermosome subunit beta'
2 polymer 'Thermosome subunit alpha'
3 non-polymer "ADENOSINE-5'-DIPHOSPHATE"
#
loop_
_entity_poly.entity_id
_entity_poly.type
_entity_poly.pdbx_seq_one_letter_code
_entity_poly.pdbx_strand_id
1 'polypeptide(L)'
;MRKMATATVATTPEGIPVIILKEGSSRTYGKEALRANIAAVKAIEEALKSTYGPRGMDKMLVDSLGDITITNDGATILDK
MDLQHPTGKLLVQIAKGQDEETADGTKTAVILAGELAKKAEDLLYKEIHPTIIVSGYKKAEEIALKTIQEIAQPVTINDT
DVLRKVALTSLGSKAVAGAREYLADLVVKAVAQVAELRGDKWYVDLDNVQIVKKHGGSVNDTQLVYGIVVDKEVVHPGMP
KRIENAKIALLDASLEVEKPELDAEIRINDPTQMHKFLEEEENILKEKVDKIAATGANVVICQKGIDEVAQHYLAKKGIL
AVRRAKKSDLEKLARATGGRVISNIDELTSQDLGYAALVEERKVGEDKMVFVEGAKNPKSVSILIRGGLERVVDETERAL
RDALGTVADVIRDGRAVAGGGAVEIEIAKRLRKYAPQVGGKEQLAIEAYANAIEGLIMILAENAGLDPIDKLMQLRSLHE
NETNKWYGLNLFTGNPEDMWKLGVIEPALVKMNAVKAATEAVTLVLRIDDIVAAGKKSGSEPSGKKEKDKEEKSSED
;
B
2 'polypeptide(L)'
;MAAPVLLLKEGTSRTTGRDALRNNILAAKTLAEMLRSSLGPKGLDKMLIDSFGDVTITNDGATIVKDMEIQHPAAKLLVE
AAKAQDAEVGDGTTSAVVLAGALLEKAESLLDQNIHPTIIIEGYKKAYNKALELLPQLGTRIDIKDLNSSVARDTLRKIA
FTTLASKFIAEGAELNKIIDMVIDAIVNVAEPLPNGGYNVSLDLIKIDKKKGGSIEDSVLVKGLVLDKEVVHPGMPRRVT
KAKIAVLDAALEVEKPEISAKISITSPEQIKAFLDEESKYLKDMVDKLASIGANVVICQKGIDDIAQHFLAKKGILAVRR
VKRSDIEKLEKALGARIISSIKDATPEDLGYAELVEERRVGNDKMVFIEGAKNLKAVNILLRGSNDMALDEAERSINDAL
HALRNILLEPVILPGGGAIELELAMKLREYARSVGGKEQLAIEAFADALEEIPLILAETAGLEAISSLMDLRARHAKGLS
NTGVDVIGGKIVDDVYALNIIEPIRVKSQVLKSATEAATAILKIDDLIAAAPLKSEKKGGEGSKEESGGEGGSTPSLGD
;
A
#
# COMPACT_ATOMS: atom_id res chain seq x y z
N GLY A 30 24.86 9.64 -47.89
CA GLY A 30 23.54 9.98 -47.38
C GLY A 30 23.56 10.43 -45.92
N LYS A 31 24.21 11.55 -45.66
CA LYS A 31 24.29 12.12 -44.32
C LYS A 31 22.91 12.39 -43.75
N GLU A 32 22.00 12.83 -44.62
CA GLU A 32 20.66 13.21 -44.19
C GLU A 32 19.91 12.07 -43.53
N ALA A 33 20.20 10.84 -43.95
CA ALA A 33 19.57 9.66 -43.37
C ALA A 33 20.29 9.24 -42.09
N LEU A 34 21.58 9.54 -42.01
CA LEU A 34 22.39 9.16 -40.87
C LEU A 34 22.11 10.07 -39.68
N ARG A 35 22.07 11.37 -39.95
CA ARG A 35 21.83 12.34 -38.89
C ARG A 35 20.51 12.05 -38.18
N ALA A 36 19.51 11.60 -38.94
CA ALA A 36 18.22 11.29 -38.35
C ALA A 36 18.34 10.09 -37.40
N ASN A 37 19.13 9.11 -37.79
CA ASN A 37 19.40 7.96 -36.93
C ASN A 37 20.08 8.42 -35.64
N ILE A 38 21.15 9.19 -35.79
CA ILE A 38 21.86 9.72 -34.64
C ILE A 38 20.90 10.51 -33.75
N ALA A 39 20.02 11.29 -34.38
CA ALA A 39 19.03 12.05 -33.63
C ALA A 39 18.09 11.14 -32.87
N ALA A 40 17.68 10.05 -33.51
CA ALA A 40 16.83 9.06 -32.86
C ALA A 40 17.50 8.46 -31.63
N VAL A 41 18.74 8.03 -31.82
CA VAL A 41 19.51 7.48 -30.71
C VAL A 41 19.65 8.49 -29.58
N LYS A 42 19.99 9.73 -29.94
CA LYS A 42 20.09 10.81 -28.97
C LYS A 42 18.75 11.06 -28.27
N ALA A 43 17.67 10.92 -29.02
CA ALA A 43 16.33 11.08 -28.44
C ALA A 43 16.07 10.02 -27.38
N ILE A 44 16.32 8.76 -27.72
CA ILE A 44 16.14 7.68 -26.75
C ILE A 44 17.09 7.84 -25.55
N GLU A 45 18.31 8.28 -25.81
CA GLU A 45 19.22 8.59 -24.71
C GLU A 45 18.56 9.60 -23.79
N GLU A 46 18.13 10.73 -24.36
CA GLU A 46 17.45 11.75 -23.58
C GLU A 46 16.23 11.20 -22.86
N ALA A 47 15.55 10.24 -23.49
CA ALA A 47 14.42 9.59 -22.84
C ALA A 47 14.86 8.87 -21.58
N LEU A 48 15.90 8.04 -21.68
CA LEU A 48 16.35 7.27 -20.52
C LEU A 48 17.43 7.93 -19.67
N LYS A 49 17.89 9.11 -20.04
CA LYS A 49 19.05 9.72 -19.38
C LYS A 49 18.85 9.88 -17.89
N SER A 50 17.83 10.63 -17.49
CA SER A 50 17.68 11.02 -16.09
C SER A 50 17.29 9.87 -15.17
N THR A 51 16.90 8.74 -15.76
CA THR A 51 16.55 7.57 -14.96
C THR A 51 17.79 6.89 -14.40
N TYR A 52 18.95 7.22 -14.96
CA TYR A 52 20.20 6.55 -14.64
C TYR A 52 20.68 6.81 -13.22
N GLY A 53 21.40 5.85 -12.66
CA GLY A 53 22.04 6.02 -11.38
C GLY A 53 21.19 5.57 -10.21
N PRO A 54 21.78 5.59 -9.00
CA PRO A 54 21.12 5.24 -7.74
C PRO A 54 20.39 6.44 -7.14
N ARG A 55 20.12 7.45 -7.96
CA ARG A 55 19.27 8.57 -7.58
C ARG A 55 18.43 8.97 -8.79
N GLY A 56 18.26 8.01 -9.68
CA GLY A 56 17.57 8.24 -10.94
C GLY A 56 16.13 8.62 -10.74
N MET A 57 15.74 9.73 -11.36
CA MET A 57 14.37 10.21 -11.30
C MET A 57 13.44 9.25 -12.03
N ASP A 58 12.14 9.42 -11.80
CA ASP A 58 11.15 8.55 -12.41
C ASP A 58 10.53 9.23 -13.62
N LYS A 59 10.09 8.42 -14.56
CA LYS A 59 9.36 8.90 -15.73
C LYS A 59 7.91 8.49 -15.66
N MET A 60 7.03 9.36 -16.14
CA MET A 60 5.60 9.11 -16.16
C MET A 60 5.14 8.74 -17.55
N LEU A 61 4.79 7.48 -17.75
CA LEU A 61 4.32 7.00 -19.04
C LEU A 61 2.84 7.24 -19.15
N VAL A 62 2.41 7.76 -20.30
CA VAL A 62 1.00 8.09 -20.52
C VAL A 62 0.43 7.32 -21.72
N ASP A 63 -0.48 6.39 -21.43
CA ASP A 63 -1.16 5.66 -22.48
C ASP A 63 -2.17 6.57 -23.17
N SER A 64 -2.48 6.29 -24.43
CA SER A 64 -3.45 7.09 -25.18
C SER A 64 -4.83 7.00 -24.54
N LEU A 65 -5.06 5.92 -23.80
CA LEU A 65 -6.31 5.75 -23.07
C LEU A 65 -6.47 6.83 -22.00
N GLY A 66 -5.33 7.27 -21.47
CA GLY A 66 -5.31 8.22 -20.37
C GLY A 66 -4.64 7.60 -19.15
N ASP A 67 -4.63 6.27 -19.10
CA ASP A 67 -3.98 5.54 -18.02
C ASP A 67 -2.49 5.84 -18.05
N ILE A 68 -1.83 5.66 -16.90
CA ILE A 68 -0.42 6.03 -16.78
C ILE A 68 0.41 4.98 -16.06
N THR A 69 1.72 5.09 -16.19
CA THR A 69 2.66 4.19 -15.52
C THR A 69 3.93 4.94 -15.10
N ILE A 70 4.09 5.17 -13.81
CA ILE A 70 5.24 5.89 -13.27
C ILE A 70 6.35 4.90 -12.92
N THR A 71 7.54 5.09 -13.48
CA THR A 71 8.61 4.11 -13.28
C THR A 71 10.03 4.65 -13.45
N ASN A 72 10.97 3.98 -12.77
CA ASN A 72 12.38 4.29 -12.92
C ASN A 72 13.06 3.33 -13.88
N ASP A 73 12.67 2.05 -13.80
CA ASP A 73 13.27 1.00 -14.61
C ASP A 73 13.25 1.36 -16.09
N GLY A 74 14.39 1.21 -16.75
CA GLY A 74 14.53 1.66 -18.12
C GLY A 74 13.90 0.71 -19.12
N ALA A 75 14.06 -0.59 -18.89
CA ALA A 75 13.49 -1.59 -19.76
C ALA A 75 11.99 -1.38 -19.88
N THR A 76 11.33 -1.22 -18.73
CA THR A 76 9.89 -1.01 -18.70
C THR A 76 9.51 0.20 -19.53
N ILE A 77 10.25 1.29 -19.36
CA ILE A 77 10.02 2.48 -20.15
C ILE A 77 10.11 2.12 -21.61
N LEU A 78 11.27 1.62 -22.04
CA LEU A 78 11.48 1.24 -23.42
C LEU A 78 10.41 0.29 -23.94
N ASP A 79 9.84 -0.53 -23.06
CA ASP A 79 8.73 -1.39 -23.45
C ASP A 79 7.47 -0.57 -23.71
N LYS A 80 6.99 0.11 -22.68
CA LYS A 80 5.74 0.86 -22.78
C LYS A 80 5.89 2.15 -23.59
N MET A 81 7.13 2.54 -23.88
CA MET A 81 7.39 3.80 -24.56
C MET A 81 6.82 3.80 -25.98
N ASP A 82 6.39 4.98 -26.43
CA ASP A 82 5.83 5.13 -27.77
C ASP A 82 6.94 5.34 -28.79
N LEU A 83 7.47 4.24 -29.30
CA LEU A 83 8.60 4.26 -30.22
C LEU A 83 8.21 4.81 -31.60
N GLN A 84 9.07 5.67 -32.14
CA GLN A 84 8.77 6.39 -33.38
C GLN A 84 9.60 5.89 -34.56
N HIS A 85 10.92 5.96 -34.39
CA HIS A 85 11.87 5.72 -35.47
C HIS A 85 12.21 4.24 -35.59
N PRO A 86 12.46 3.77 -36.82
CA PRO A 86 12.96 2.40 -37.01
C PRO A 86 14.24 2.14 -36.24
N THR A 87 15.24 3.01 -36.43
CA THR A 87 16.49 2.92 -35.71
C THR A 87 16.24 2.89 -34.20
N GLY A 88 15.18 3.55 -33.77
CA GLY A 88 14.84 3.58 -32.36
C GLY A 88 14.43 2.19 -31.91
N LYS A 89 13.37 1.67 -32.51
CA LYS A 89 12.86 0.36 -32.18
C LYS A 89 13.97 -0.67 -32.27
N LEU A 90 14.85 -0.45 -33.25
CA LEU A 90 16.01 -1.30 -33.41
C LEU A 90 16.93 -1.20 -32.20
N LEU A 91 17.27 0.03 -31.83
CA LEU A 91 18.15 0.28 -30.70
C LEU A 91 17.59 -0.38 -29.45
N VAL A 92 16.29 -0.23 -29.23
CA VAL A 92 15.63 -0.88 -28.11
C VAL A 92 15.77 -2.38 -28.24
N GLN A 93 15.55 -2.90 -29.44
CA GLN A 93 15.67 -4.33 -29.68
C GLN A 93 17.09 -4.82 -29.40
N ILE A 94 18.06 -3.96 -29.65
CA ILE A 94 19.47 -4.30 -29.40
C ILE A 94 19.84 -4.26 -27.92
N ALA A 95 19.50 -3.16 -27.26
CA ALA A 95 19.80 -2.98 -25.85
C ALA A 95 19.20 -4.09 -25.01
N LYS A 96 18.11 -4.67 -25.50
CA LYS A 96 17.48 -5.81 -24.86
C LYS A 96 17.84 -7.10 -25.60
N GLY A 97 19.08 -7.55 -25.44
CA GLY A 97 19.52 -8.77 -26.08
C GLY A 97 20.77 -9.34 -25.45
N GLN A 98 20.89 -10.67 -25.48
CA GLN A 98 22.06 -11.36 -24.96
C GLN A 98 22.31 -12.65 -25.73
N THR A 102 18.73 -10.35 -16.51
CA THR A 102 19.55 -9.35 -17.18
C THR A 102 18.73 -8.13 -17.58
N ALA A 103 17.71 -7.83 -16.80
CA ALA A 103 16.80 -6.73 -17.13
C ALA A 103 17.51 -5.39 -17.16
N ASP A 104 18.28 -5.11 -16.11
CA ASP A 104 19.04 -3.86 -16.05
C ASP A 104 20.31 -3.98 -16.87
N GLY A 105 21.00 -2.85 -17.04
CA GLY A 105 22.14 -2.76 -17.93
C GLY A 105 21.69 -2.14 -19.23
N THR A 106 20.42 -2.33 -19.56
CA THR A 106 19.80 -1.68 -20.71
C THR A 106 20.01 -0.17 -20.62
N LYS A 107 19.70 0.37 -19.44
CA LYS A 107 19.93 1.78 -19.14
C LYS A 107 21.31 2.22 -19.65
N THR A 108 22.33 1.51 -19.17
CA THR A 108 23.72 1.82 -19.45
C THR A 108 23.98 1.76 -20.94
N ALA A 109 23.54 0.66 -21.55
CA ALA A 109 23.76 0.45 -22.96
C ALA A 109 23.19 1.60 -23.77
N VAL A 110 21.93 1.92 -23.52
CA VAL A 110 21.27 2.99 -24.23
C VAL A 110 22.03 4.29 -24.09
N ILE A 111 22.23 4.72 -22.85
CA ILE A 111 22.87 6.02 -22.64
C ILE A 111 24.27 6.05 -23.26
N LEU A 112 25.01 4.97 -23.08
CA LEU A 112 26.35 4.86 -23.64
C LEU A 112 26.29 5.02 -25.15
N ALA A 113 25.38 4.28 -25.78
CA ALA A 113 25.21 4.36 -27.23
C ALA A 113 24.90 5.78 -27.65
N GLY A 114 24.07 6.46 -26.86
CA GLY A 114 23.76 7.86 -27.10
C GLY A 114 25.00 8.74 -27.09
N GLU A 115 25.79 8.61 -26.04
CA GLU A 115 27.03 9.35 -25.94
C GLU A 115 27.95 9.08 -27.12
N LEU A 116 28.14 7.81 -27.42
CA LEU A 116 28.96 7.39 -28.56
C LEU A 116 28.45 7.99 -29.86
N ALA A 117 27.12 8.01 -30.01
CA ALA A 117 26.51 8.61 -31.19
C ALA A 117 26.83 10.10 -31.26
N LYS A 118 26.65 10.82 -30.15
CA LYS A 118 26.96 12.24 -30.12
C LYS A 118 28.42 12.52 -30.46
N LYS A 119 29.32 11.79 -29.83
CA LYS A 119 30.75 11.97 -30.11
C LYS A 119 31.08 11.57 -31.54
N ALA A 120 30.39 10.55 -32.04
CA ALA A 120 30.54 10.15 -33.43
C ALA A 120 30.14 11.31 -34.34
N GLU A 121 29.02 11.94 -34.01
CA GLU A 121 28.56 13.12 -34.73
C GLU A 121 29.65 14.19 -34.73
N ASP A 122 30.18 14.48 -33.54
CA ASP A 122 31.29 15.43 -33.40
C ASP A 122 32.45 15.04 -34.30
N LEU A 123 32.73 13.73 -34.38
CA LEU A 123 33.80 13.24 -35.27
C LEU A 123 33.41 13.36 -36.74
N LEU A 124 32.13 13.18 -37.03
CA LEU A 124 31.66 13.22 -38.40
C LEU A 124 31.79 14.62 -38.98
N TYR A 125 31.46 15.63 -38.17
CA TYR A 125 31.60 17.00 -38.63
C TYR A 125 33.03 17.29 -39.09
N LYS A 126 33.98 16.53 -38.59
CA LYS A 126 35.38 16.69 -38.97
C LYS A 126 35.70 15.92 -40.26
N GLU A 127 34.66 15.57 -41.00
CA GLU A 127 34.83 14.86 -42.27
C GLU A 127 35.65 13.59 -42.11
N ILE A 128 35.22 12.73 -41.20
CA ILE A 128 35.83 11.41 -41.01
C ILE A 128 34.83 10.35 -41.44
N HIS A 129 35.26 9.48 -42.35
CA HIS A 129 34.39 8.44 -42.89
C HIS A 129 33.91 7.49 -41.79
N PRO A 130 32.63 7.09 -41.82
CA PRO A 130 32.10 6.21 -40.78
C PRO A 130 32.90 4.93 -40.59
N THR A 131 33.39 4.33 -41.67
CA THR A 131 34.09 3.06 -41.55
C THR A 131 35.37 3.17 -40.72
N ILE A 132 35.83 4.41 -40.54
CA ILE A 132 36.99 4.66 -39.68
C ILE A 132 36.53 4.73 -38.23
N ILE A 133 35.50 5.54 -37.99
CA ILE A 133 34.91 5.69 -36.67
C ILE A 133 34.49 4.33 -36.11
N VAL A 134 33.86 3.52 -36.95
CA VAL A 134 33.46 2.18 -36.56
C VAL A 134 34.67 1.38 -36.10
N SER A 135 35.68 1.32 -36.93
CA SER A 135 36.89 0.56 -36.61
C SER A 135 37.47 1.04 -35.28
N GLY A 136 37.62 2.35 -35.14
CA GLY A 136 38.12 2.94 -33.91
C GLY A 136 37.30 2.48 -32.72
N TYR A 137 35.99 2.62 -32.82
CA TYR A 137 35.11 2.22 -31.74
C TYR A 137 35.26 0.74 -31.43
N LYS A 138 35.45 -0.08 -32.47
CA LYS A 138 35.65 -1.51 -32.26
C LYS A 138 36.91 -1.76 -31.46
N LYS A 139 38.00 -1.14 -31.88
CA LYS A 139 39.25 -1.23 -31.12
C LYS A 139 39.02 -0.82 -29.67
N ALA A 140 38.36 0.31 -29.50
CA ALA A 140 38.05 0.82 -28.18
C ALA A 140 37.24 -0.20 -27.38
N GLU A 141 36.30 -0.84 -28.06
CA GLU A 141 35.49 -1.87 -27.42
C GLU A 141 36.36 -2.99 -26.93
N GLU A 142 37.26 -3.45 -27.80
CA GLU A 142 38.18 -4.52 -27.42
C GLU A 142 39.01 -4.14 -26.21
N ILE A 143 39.62 -2.96 -26.25
CA ILE A 143 40.41 -2.48 -25.12
C ILE A 143 39.57 -2.35 -23.86
N ALA A 144 38.33 -1.91 -24.03
CA ALA A 144 37.42 -1.77 -22.90
C ALA A 144 37.18 -3.12 -22.26
N LEU A 145 36.82 -4.11 -23.08
CA LEU A 145 36.56 -5.44 -22.56
C LEU A 145 37.81 -6.04 -21.92
N LYS A 146 38.97 -5.79 -22.52
CA LYS A 146 40.23 -6.17 -21.89
C LYS A 146 40.33 -5.53 -20.52
N THR A 147 40.02 -4.24 -20.45
CA THR A 147 40.10 -3.48 -19.21
C THR A 147 39.20 -4.07 -18.14
N ILE A 148 37.94 -4.31 -18.48
CA ILE A 148 37.01 -4.88 -17.52
C ILE A 148 37.48 -6.27 -17.10
N GLN A 149 37.91 -7.07 -18.05
CA GLN A 149 38.43 -8.41 -17.75
C GLN A 149 39.63 -8.34 -16.81
N GLU A 150 40.47 -7.34 -17.03
CA GLU A 150 41.66 -7.15 -16.20
C GLU A 150 41.31 -6.70 -14.78
N ILE A 151 40.50 -5.66 -14.67
CA ILE A 151 40.15 -5.10 -13.36
C ILE A 151 39.38 -6.07 -12.49
N ALA A 152 38.51 -6.84 -13.12
CA ALA A 152 37.48 -7.63 -12.43
C ALA A 152 38.00 -8.39 -11.21
N GLN A 153 37.20 -8.36 -10.16
CA GLN A 153 37.51 -9.09 -8.93
C GLN A 153 36.72 -10.40 -8.89
N PRO A 154 37.42 -11.55 -8.97
CA PRO A 154 36.70 -12.82 -8.93
C PRO A 154 35.91 -13.02 -7.65
N VAL A 155 34.69 -13.53 -7.76
CA VAL A 155 33.84 -13.79 -6.61
C VAL A 155 33.19 -15.16 -6.71
N THR A 156 32.64 -15.64 -5.60
CA THR A 156 32.00 -16.95 -5.55
C THR A 156 30.63 -16.85 -4.90
N ILE A 157 29.88 -17.94 -4.96
CA ILE A 157 28.54 -17.98 -4.39
C ILE A 157 28.60 -17.84 -2.88
N ASN A 158 29.75 -18.13 -2.30
CA ASN A 158 29.92 -18.09 -0.85
C ASN A 158 30.03 -16.66 -0.32
N ASP A 159 30.63 -15.77 -1.09
CA ASP A 159 30.77 -14.37 -0.70
C ASP A 159 29.42 -13.69 -0.72
N THR A 160 28.59 -14.00 0.26
CA THR A 160 27.20 -13.53 0.28
C THR A 160 27.10 -12.02 0.46
N ASP A 161 28.09 -11.42 1.11
CA ASP A 161 28.08 -9.98 1.30
C ASP A 161 28.11 -9.31 -0.06
N VAL A 162 28.87 -9.89 -0.98
CA VAL A 162 28.95 -9.37 -2.34
C VAL A 162 27.60 -9.48 -3.02
N LEU A 163 26.98 -10.65 -2.89
CA LEU A 163 25.67 -10.88 -3.47
C LEU A 163 24.67 -9.85 -2.94
N ARG A 164 24.70 -9.65 -1.63
CA ARG A 164 23.85 -8.66 -0.98
C ARG A 164 24.12 -7.27 -1.54
N LYS A 165 25.39 -6.90 -1.63
CA LYS A 165 25.76 -5.59 -2.15
C LYS A 165 25.26 -5.40 -3.59
N VAL A 166 25.52 -6.40 -4.44
CA VAL A 166 25.09 -6.35 -5.82
C VAL A 166 23.59 -6.25 -5.93
N ALA A 167 22.89 -7.01 -5.08
CA ALA A 167 21.45 -6.90 -5.01
C ALA A 167 21.07 -5.48 -4.65
N LEU A 168 21.60 -4.98 -3.54
CA LEU A 168 21.27 -3.66 -3.04
C LEU A 168 21.64 -2.57 -4.04
N THR A 169 22.66 -2.83 -4.86
CA THR A 169 23.11 -1.85 -5.84
C THR A 169 21.97 -1.36 -6.73
N SER A 170 21.36 -2.29 -7.46
CA SER A 170 20.28 -1.96 -8.36
C SER A 170 19.02 -1.52 -7.61
N LEU A 171 18.86 -2.02 -6.39
CA LEU A 171 17.68 -1.70 -5.60
C LEU A 171 17.62 -0.24 -5.19
N GLY A 172 18.77 0.39 -5.03
CA GLY A 172 18.81 1.80 -4.73
C GLY A 172 18.13 2.59 -5.84
N SER A 173 17.38 3.62 -5.45
CA SER A 173 16.70 4.54 -6.38
C SER A 173 15.41 3.96 -6.95
N LYS A 174 15.05 2.76 -6.51
CA LYS A 174 13.84 2.11 -7.01
C LYS A 174 12.58 2.69 -6.40
N ALA A 175 12.75 3.49 -5.34
CA ALA A 175 11.62 4.07 -4.61
C ALA A 175 10.80 2.98 -3.95
N VAL A 176 11.39 1.80 -3.79
CA VAL A 176 10.75 0.73 -3.04
C VAL A 176 10.63 1.15 -1.58
N ALA A 177 9.51 0.81 -0.96
CA ALA A 177 9.23 1.28 0.40
C ALA A 177 9.96 0.44 1.46
N GLY A 178 11.27 0.62 1.55
CA GLY A 178 12.05 -0.01 2.61
C GLY A 178 12.32 -1.49 2.38
N ALA A 179 12.84 -2.14 3.41
CA ALA A 179 13.13 -3.58 3.38
C ALA A 179 14.12 -3.95 2.28
N ARG A 180 14.98 -3.00 1.91
CA ARG A 180 16.01 -3.28 0.91
C ARG A 180 16.94 -4.37 1.40
N GLU A 181 17.35 -4.29 2.65
CA GLU A 181 18.22 -5.29 3.24
C GLU A 181 17.47 -6.59 3.53
N TYR A 182 16.16 -6.59 3.30
CA TYR A 182 15.34 -7.79 3.45
C TYR A 182 15.00 -8.37 2.08
N LEU A 183 14.67 -7.49 1.14
CA LEU A 183 14.43 -7.93 -0.21
C LEU A 183 15.71 -8.51 -0.77
N ALA A 184 16.83 -7.85 -0.47
CA ALA A 184 18.13 -8.38 -0.84
C ALA A 184 18.34 -9.76 -0.24
N ASP A 185 17.89 -9.93 1.02
CA ASP A 185 17.97 -11.24 1.64
C ASP A 185 17.20 -12.24 0.81
N LEU A 186 15.95 -11.90 0.49
CA LEU A 186 15.11 -12.80 -0.28
C LEU A 186 15.78 -13.15 -1.61
N VAL A 187 16.40 -12.17 -2.24
CA VAL A 187 17.12 -12.42 -3.50
C VAL A 187 18.25 -13.41 -3.27
N VAL A 188 19.13 -13.11 -2.31
CA VAL A 188 20.26 -13.96 -1.99
C VAL A 188 19.78 -15.38 -1.65
N LYS A 189 18.67 -15.46 -0.95
CA LYS A 189 18.09 -16.75 -0.58
C LYS A 189 17.49 -17.42 -1.81
N ALA A 190 16.94 -16.61 -2.70
CA ALA A 190 16.27 -17.12 -3.88
C ALA A 190 17.27 -17.76 -4.84
N VAL A 191 18.30 -17.01 -5.20
CA VAL A 191 19.29 -17.50 -6.15
C VAL A 191 20.02 -18.73 -5.63
N ALA A 192 20.12 -18.83 -4.31
CA ALA A 192 20.83 -19.93 -3.68
C ALA A 192 20.17 -21.26 -4.01
N GLN A 193 18.85 -21.29 -3.91
CA GLN A 193 18.09 -22.50 -4.22
C GLN A 193 18.31 -22.88 -5.68
N VAL A 194 17.94 -21.98 -6.58
CA VAL A 194 18.07 -22.22 -8.01
C VAL A 194 19.54 -22.20 -8.41
N ALA A 195 20.26 -23.25 -8.05
CA ALA A 195 21.67 -23.36 -8.38
C ALA A 195 22.17 -24.77 -8.13
N GLU A 196 22.75 -25.38 -9.16
CA GLU A 196 23.33 -26.71 -9.04
C GLU A 196 24.55 -26.82 -9.94
N LEU A 197 25.62 -27.41 -9.43
CA LEU A 197 26.90 -27.45 -10.12
C LEU A 197 27.15 -28.78 -10.82
N ARG A 198 27.04 -28.78 -12.15
CA ARG A 198 27.40 -29.95 -12.93
C ARG A 198 28.92 -30.07 -13.06
N GLY A 199 29.58 -28.94 -13.29
CA GLY A 199 31.02 -28.91 -13.50
C GLY A 199 31.70 -27.73 -12.84
N ASP A 200 32.17 -26.80 -13.65
CA ASP A 200 32.86 -25.62 -13.15
C ASP A 200 31.88 -24.51 -12.77
N LYS A 201 30.76 -24.47 -13.49
CA LYS A 201 29.78 -23.39 -13.34
C LYS A 201 28.42 -23.91 -12.88
N TRP A 202 27.86 -23.26 -11.86
CA TRP A 202 26.52 -23.59 -11.39
C TRP A 202 25.49 -23.20 -12.45
N TYR A 203 24.55 -24.10 -12.72
CA TYR A 203 23.50 -23.84 -13.70
C TYR A 203 22.29 -23.17 -13.05
N VAL A 204 22.41 -21.86 -12.85
CA VAL A 204 21.34 -21.07 -12.26
C VAL A 204 20.20 -20.89 -13.27
N ASP A 205 19.25 -21.82 -13.24
CA ASP A 205 18.11 -21.78 -14.15
C ASP A 205 17.10 -20.74 -13.68
N LEU A 206 17.40 -19.47 -13.95
CA LEU A 206 16.60 -18.35 -13.46
C LEU A 206 15.12 -18.46 -13.80
N ASP A 207 14.80 -19.17 -14.87
CA ASP A 207 13.43 -19.25 -15.36
C ASP A 207 12.51 -20.01 -14.40
N ASN A 208 13.07 -20.58 -13.34
CA ASN A 208 12.28 -21.33 -12.36
C ASN A 208 11.71 -20.44 -11.27
N VAL A 209 11.96 -19.14 -11.36
CA VAL A 209 11.49 -18.20 -10.34
C VAL A 209 10.12 -17.64 -10.68
N GLN A 210 9.13 -18.03 -9.90
CA GLN A 210 7.77 -17.50 -10.06
C GLN A 210 7.65 -16.18 -9.32
N ILE A 211 6.90 -15.24 -9.88
CA ILE A 211 6.72 -13.92 -9.28
C ILE A 211 5.26 -13.48 -9.36
N VAL A 212 4.64 -13.32 -8.20
CA VAL A 212 3.27 -12.83 -8.10
C VAL A 212 3.21 -11.66 -7.13
N LYS A 213 2.07 -10.99 -7.05
CA LYS A 213 1.93 -9.82 -6.20
C LYS A 213 0.49 -9.61 -5.73
N LYS A 214 0.35 -8.99 -4.56
CA LYS A 214 -0.96 -8.66 -4.01
C LYS A 214 -0.84 -7.41 -3.14
N HIS A 215 -1.96 -6.76 -2.86
CA HIS A 215 -1.97 -5.55 -2.04
C HIS A 215 -2.21 -5.85 -0.58
N GLY A 216 -1.74 -4.96 0.30
CA GLY A 216 -1.94 -5.10 1.73
C GLY A 216 -0.65 -4.97 2.51
N GLY A 217 -0.66 -4.08 3.50
CA GLY A 217 0.49 -3.87 4.36
C GLY A 217 1.63 -3.17 3.66
N SER A 218 2.79 -3.83 3.62
CA SER A 218 3.98 -3.28 2.97
C SER A 218 4.83 -4.40 2.40
N VAL A 219 6.02 -4.03 1.91
CA VAL A 219 6.92 -5.00 1.30
C VAL A 219 7.63 -5.87 2.35
N ASN A 220 7.37 -5.60 3.62
CA ASN A 220 7.85 -6.46 4.69
C ASN A 220 7.03 -7.73 4.73
N ASP A 221 5.86 -7.70 4.09
CA ASP A 221 4.99 -8.86 3.99
C ASP A 221 5.36 -9.71 2.77
N THR A 222 6.36 -9.27 2.02
CA THR A 222 6.89 -10.07 0.92
C THR A 222 7.47 -11.36 1.48
N GLN A 223 7.40 -12.45 0.73
CA GLN A 223 7.86 -13.72 1.28
C GLN A 223 8.06 -14.82 0.24
N LEU A 224 9.08 -15.65 0.44
CA LEU A 224 9.39 -16.73 -0.48
C LEU A 224 8.59 -17.99 -0.19
N VAL A 225 8.50 -18.85 -1.21
CA VAL A 225 7.97 -20.20 -1.05
C VAL A 225 8.79 -21.12 -1.97
N TYR A 226 9.16 -22.30 -1.46
CA TYR A 226 9.97 -23.23 -2.22
C TYR A 226 9.27 -23.65 -3.51
N GLY A 227 7.97 -23.91 -3.42
CA GLY A 227 7.18 -24.32 -4.57
C GLY A 227 6.61 -23.15 -5.33
N ILE A 228 6.00 -23.43 -6.48
CA ILE A 228 5.37 -22.40 -7.27
C ILE A 228 4.05 -21.97 -6.65
N VAL A 229 3.72 -20.70 -6.82
CA VAL A 229 2.48 -20.14 -6.29
C VAL A 229 1.68 -19.56 -7.44
N VAL A 230 0.36 -19.65 -7.34
CA VAL A 230 -0.51 -19.08 -8.35
C VAL A 230 -1.67 -18.32 -7.75
N ASP A 231 -1.84 -17.09 -8.23
CA ASP A 231 -2.85 -16.19 -7.72
C ASP A 231 -4.23 -16.52 -8.30
N HIS A 236 -16.23 -23.38 -6.63
CA HIS A 236 -16.90 -24.42 -5.86
C HIS A 236 -16.11 -24.78 -4.61
N PRO A 237 -16.72 -25.58 -3.72
CA PRO A 237 -15.95 -26.18 -2.63
C PRO A 237 -14.78 -26.99 -3.18
N GLY A 238 -14.96 -27.51 -4.39
CA GLY A 238 -13.87 -28.06 -5.18
C GLY A 238 -13.27 -29.33 -4.63
N MET A 239 -12.16 -29.74 -5.26
CA MET A 239 -11.44 -30.95 -4.89
C MET A 239 -10.71 -30.75 -3.56
N PRO A 240 -10.19 -31.84 -2.96
CA PRO A 240 -9.45 -31.75 -1.71
C PRO A 240 -8.26 -30.78 -1.75
N LYS A 241 -7.76 -30.39 -0.59
CA LYS A 241 -6.73 -29.36 -0.48
C LYS A 241 -5.33 -29.95 -0.32
N ARG A 242 -5.00 -30.38 0.89
CA ARG A 242 -3.65 -30.87 1.18
C ARG A 242 -3.39 -32.24 0.53
N ILE A 243 -2.84 -32.22 -0.68
CA ILE A 243 -2.49 -33.46 -1.37
C ILE A 243 -1.03 -33.81 -1.13
N GLU A 244 -0.79 -34.95 -0.50
CA GLU A 244 0.56 -35.44 -0.28
C GLU A 244 0.92 -36.41 -1.40
N ASN A 245 2.12 -36.24 -1.96
CA ASN A 245 2.53 -36.97 -3.15
C ASN A 245 1.49 -36.79 -4.26
N ALA A 246 1.34 -35.54 -4.69
CA ALA A 246 0.29 -35.15 -5.63
C ALA A 246 0.72 -35.32 -7.08
N LYS A 247 -0.17 -35.90 -7.88
CA LYS A 247 -0.01 -35.96 -9.32
C LYS A 247 -0.79 -34.79 -9.95
N ILE A 248 -0.09 -33.95 -10.69
CA ILE A 248 -0.66 -32.70 -11.20
C ILE A 248 -0.91 -32.75 -12.71
N ALA A 249 -2.17 -32.57 -13.09
CA ALA A 249 -2.56 -32.57 -14.50
C ALA A 249 -2.40 -31.17 -15.12
N LEU A 250 -1.43 -31.05 -16.03
CA LEU A 250 -1.14 -29.79 -16.70
C LEU A 250 -1.74 -29.79 -18.11
N LEU A 251 -2.76 -28.96 -18.31
CA LEU A 251 -3.52 -28.98 -19.57
C LEU A 251 -3.88 -27.59 -20.06
N ASP A 252 -3.32 -27.18 -21.18
CA ASP A 252 -3.64 -25.87 -21.74
C ASP A 252 -5.11 -25.80 -22.19
N ALA A 253 -5.62 -26.92 -22.72
CA ALA A 253 -6.99 -26.97 -23.21
C ALA A 253 -7.97 -27.06 -22.05
N PHE A 277 -28.91 -31.17 -28.28
CA PHE A 277 -27.54 -30.81 -28.65
C PHE A 277 -26.71 -30.51 -27.40
N LEU A 278 -27.32 -29.78 -26.46
CA LEU A 278 -26.66 -29.43 -25.20
C LEU A 278 -26.32 -30.68 -24.41
N GLU A 279 -27.22 -31.66 -24.46
CA GLU A 279 -27.01 -32.93 -23.77
C GLU A 279 -25.81 -33.66 -24.38
N GLU A 280 -25.69 -33.61 -25.70
CA GLU A 280 -24.55 -34.19 -26.39
C GLU A 280 -23.25 -33.55 -25.91
N GLU A 281 -23.26 -32.22 -25.82
CA GLU A 281 -22.10 -31.47 -25.33
C GLU A 281 -21.79 -31.87 -23.89
N GLU A 282 -22.83 -32.04 -23.06
CA GLU A 282 -22.65 -32.52 -21.70
C GLU A 282 -21.95 -33.88 -21.70
N ASN A 283 -22.45 -34.79 -22.53
CA ASN A 283 -21.84 -36.11 -22.66
C ASN A 283 -20.36 -36.00 -23.05
N ILE A 284 -20.08 -35.18 -24.06
CA ILE A 284 -18.70 -34.97 -24.51
C ILE A 284 -17.82 -34.45 -23.37
N LEU A 285 -18.27 -33.39 -22.70
CA LEU A 285 -17.50 -32.79 -21.61
C LEU A 285 -17.25 -33.80 -20.49
N LYS A 286 -18.29 -34.56 -20.12
CA LYS A 286 -18.14 -35.56 -19.08
C LYS A 286 -17.16 -36.64 -19.52
N GLU A 287 -17.23 -37.02 -20.80
CA GLU A 287 -16.26 -37.93 -21.38
C GLU A 287 -14.85 -37.38 -21.16
N LYS A 288 -14.68 -36.12 -21.52
CA LYS A 288 -13.39 -35.43 -21.36
C LYS A 288 -12.92 -35.47 -19.91
N VAL A 289 -13.81 -35.19 -18.97
CA VAL A 289 -13.43 -35.24 -17.54
C VAL A 289 -13.04 -36.65 -17.12
N ASP A 290 -13.86 -37.62 -17.49
CA ASP A 290 -13.60 -39.02 -17.12
C ASP A 290 -12.25 -39.48 -17.68
N LYS A 291 -11.95 -39.09 -18.91
CA LYS A 291 -10.65 -39.38 -19.51
C LYS A 291 -9.50 -38.95 -18.59
N ILE A 292 -9.62 -37.74 -18.04
CA ILE A 292 -8.61 -37.20 -17.13
C ILE A 292 -8.64 -37.97 -15.82
N ALA A 293 -9.83 -38.25 -15.32
CA ALA A 293 -9.98 -39.01 -14.08
C ALA A 293 -9.33 -40.38 -14.19
N ALA A 294 -9.39 -40.97 -15.37
CA ALA A 294 -8.86 -42.31 -15.59
C ALA A 294 -7.32 -42.35 -15.64
N THR A 295 -6.67 -41.22 -15.44
CA THR A 295 -5.19 -41.17 -15.47
C THR A 295 -4.59 -41.02 -14.08
N GLY A 296 -5.44 -40.85 -13.08
CA GLY A 296 -4.99 -40.75 -11.70
C GLY A 296 -4.37 -39.41 -11.38
N ALA A 297 -5.11 -38.35 -11.69
CA ALA A 297 -4.65 -36.98 -11.45
C ALA A 297 -5.27 -36.42 -10.17
N ASN A 298 -4.41 -36.11 -9.19
CA ASN A 298 -4.86 -35.55 -7.93
C ASN A 298 -5.43 -34.14 -8.13
N VAL A 299 -4.57 -33.24 -8.57
CA VAL A 299 -4.98 -31.86 -8.83
C VAL A 299 -4.92 -31.59 -10.32
N VAL A 300 -5.91 -30.86 -10.83
CA VAL A 300 -6.02 -30.57 -12.25
C VAL A 300 -5.93 -29.08 -12.52
N ILE A 301 -5.08 -28.72 -13.47
CA ILE A 301 -4.86 -27.33 -13.85
C ILE A 301 -5.25 -27.14 -15.31
N CYS A 302 -5.82 -25.99 -15.62
CA CYS A 302 -6.19 -25.67 -16.99
C CYS A 302 -5.86 -24.21 -17.34
N GLN A 303 -6.06 -23.81 -18.59
CA GLN A 303 -5.91 -22.42 -18.98
C GLN A 303 -7.21 -21.91 -19.58
N LYS A 304 -7.78 -22.69 -20.51
CA LYS A 304 -9.07 -22.38 -21.09
C LYS A 304 -10.15 -22.38 -20.01
N GLY A 305 -11.30 -21.79 -20.32
CA GLY A 305 -12.41 -21.78 -19.38
C GLY A 305 -12.98 -23.17 -19.19
N ILE A 306 -13.21 -23.53 -17.94
CA ILE A 306 -13.82 -24.82 -17.61
C ILE A 306 -15.27 -24.62 -17.18
N ASP A 307 -16.15 -25.42 -17.77
CA ASP A 307 -17.55 -25.41 -17.38
C ASP A 307 -17.69 -25.89 -15.95
N GLU A 308 -18.47 -25.16 -15.17
CA GLU A 308 -18.65 -25.46 -13.75
C GLU A 308 -19.15 -26.88 -13.52
N VAL A 309 -19.81 -27.44 -14.54
CA VAL A 309 -20.24 -28.83 -14.49
C VAL A 309 -19.03 -29.74 -14.37
N ALA A 310 -17.98 -29.40 -15.13
CA ALA A 310 -16.73 -30.15 -15.07
C ALA A 310 -16.03 -29.94 -13.73
N GLN A 311 -16.27 -28.77 -13.12
CA GLN A 311 -15.73 -28.50 -11.80
C GLN A 311 -16.43 -29.37 -10.77
N HIS A 312 -17.75 -29.51 -10.90
CA HIS A 312 -18.51 -30.43 -10.07
C HIS A 312 -18.00 -31.86 -10.26
N TYR A 313 -17.94 -32.29 -11.52
CA TYR A 313 -17.42 -33.61 -11.85
C TYR A 313 -16.08 -33.85 -11.17
N LEU A 314 -15.10 -33.01 -11.50
CA LEU A 314 -13.76 -33.12 -10.92
C LEU A 314 -13.80 -33.08 -9.39
N ALA A 315 -14.67 -32.25 -8.85
CA ALA A 315 -14.86 -32.18 -7.40
C ALA A 315 -15.33 -33.53 -6.89
N LYS A 316 -16.15 -34.22 -7.68
CA LYS A 316 -16.60 -35.56 -7.33
C LYS A 316 -15.56 -36.62 -7.69
N LYS A 317 -14.63 -36.29 -8.60
CA LYS A 317 -13.57 -37.24 -8.93
C LYS A 317 -12.60 -37.38 -7.76
N VAL A 322 -8.22 -25.55 -10.57
CA VAL A 322 -8.49 -24.21 -11.07
C VAL A 322 -8.22 -24.11 -12.57
N ARG A 323 -8.70 -23.04 -13.18
CA ARG A 323 -8.50 -22.77 -14.62
C ARG A 323 -7.38 -21.78 -14.85
N ARG A 324 -6.67 -21.45 -13.77
CA ARG A 324 -5.55 -20.52 -13.83
C ARG A 324 -5.93 -19.28 -14.64
N ALA A 325 -4.97 -18.75 -15.38
CA ALA A 325 -5.22 -17.62 -16.24
C ALA A 325 -4.03 -17.41 -17.18
N LYS A 326 -2.82 -17.66 -16.67
CA LYS A 326 -1.60 -17.45 -17.42
C LYS A 326 -0.81 -18.75 -17.62
N LYS A 327 -0.15 -18.85 -18.76
CA LYS A 327 0.67 -20.01 -19.07
C LYS A 327 2.10 -19.83 -18.57
N SER A 328 2.46 -18.59 -18.26
CA SER A 328 3.78 -18.30 -17.70
C SER A 328 3.93 -18.98 -16.34
N ASP A 329 2.79 -19.28 -15.71
CA ASP A 329 2.78 -20.01 -14.45
C ASP A 329 2.81 -21.50 -14.73
N LEU A 330 1.94 -21.94 -15.63
CA LEU A 330 1.86 -23.34 -16.01
C LEU A 330 3.21 -23.83 -16.49
N GLU A 331 3.95 -22.93 -17.14
CA GLU A 331 5.29 -23.21 -17.59
C GLU A 331 6.16 -23.63 -16.42
N LYS A 332 6.32 -22.72 -15.46
CA LYS A 332 7.19 -22.96 -14.32
C LYS A 332 6.65 -24.10 -13.46
N LEU A 333 5.34 -24.32 -13.50
CA LEU A 333 4.74 -25.47 -12.84
C LEU A 333 5.23 -26.74 -13.49
N ALA A 334 5.22 -26.75 -14.82
CA ALA A 334 5.73 -27.89 -15.58
C ALA A 334 7.22 -28.06 -15.31
N ARG A 335 7.94 -26.95 -15.21
CA ARG A 335 9.35 -26.99 -14.89
C ARG A 335 9.58 -27.63 -13.52
N ALA A 336 8.87 -27.16 -12.51
CA ALA A 336 9.10 -27.57 -11.13
C ALA A 336 8.58 -28.98 -10.82
N THR A 337 7.37 -29.29 -11.27
CA THR A 337 6.73 -30.56 -10.91
C THR A 337 7.37 -31.75 -11.63
N GLY A 338 7.97 -31.50 -12.79
CA GLY A 338 8.58 -32.55 -13.57
C GLY A 338 7.63 -33.13 -14.62
N GLY A 339 6.36 -32.73 -14.53
CA GLY A 339 5.37 -33.14 -15.51
C GLY A 339 5.42 -32.27 -16.75
N ARG A 340 4.56 -32.56 -17.72
CA ARG A 340 4.54 -31.81 -18.98
C ARG A 340 3.11 -31.45 -19.38
N VAL A 341 2.99 -30.36 -20.13
CA VAL A 341 1.69 -29.87 -20.59
C VAL A 341 1.22 -30.68 -21.80
N ILE A 342 -0.10 -30.82 -21.93
CA ILE A 342 -0.70 -31.52 -23.07
C ILE A 342 -1.70 -30.62 -23.78
N SER A 343 -1.64 -30.61 -25.10
CA SER A 343 -2.51 -29.76 -25.91
C SER A 343 -3.92 -30.32 -25.98
N ASN A 344 -4.03 -31.65 -26.10
CA ASN A 344 -5.31 -32.32 -26.19
C ASN A 344 -5.38 -33.51 -25.23
N ILE A 345 -6.38 -33.49 -24.36
CA ILE A 345 -6.50 -34.49 -23.30
C ILE A 345 -6.66 -35.91 -23.82
N ASP A 346 -6.98 -36.05 -25.10
CA ASP A 346 -7.08 -37.36 -25.73
C ASP A 346 -5.73 -38.06 -25.68
N GLU A 347 -4.66 -37.28 -25.58
CA GLU A 347 -3.30 -37.81 -25.55
C GLU A 347 -2.77 -37.95 -24.14
N LEU A 348 -3.58 -37.57 -23.15
CA LEU A 348 -3.15 -37.54 -21.76
C LEU A 348 -2.80 -38.93 -21.24
N THR A 349 -1.73 -39.00 -20.46
CA THR A 349 -1.29 -40.26 -19.84
C THR A 349 -1.11 -40.05 -18.34
N SER A 350 -0.37 -40.95 -17.69
CA SER A 350 -0.11 -40.85 -16.26
C SER A 350 1.28 -40.29 -15.99
N GLN A 351 2.13 -40.25 -17.02
CA GLN A 351 3.49 -39.76 -16.88
C GLN A 351 3.57 -38.25 -17.10
N ASP A 352 2.56 -37.70 -17.75
CA ASP A 352 2.49 -36.25 -17.96
C ASP A 352 2.08 -35.53 -16.69
N LEU A 353 1.69 -36.29 -15.67
CA LEU A 353 1.29 -35.72 -14.40
C LEU A 353 2.52 -35.35 -13.57
N GLY A 354 2.50 -34.15 -13.02
CA GLY A 354 3.64 -33.65 -12.25
C GLY A 354 3.59 -34.08 -10.80
N TYR A 355 4.77 -34.32 -10.22
CA TYR A 355 4.87 -34.77 -8.82
C TYR A 355 5.09 -33.59 -7.89
N ALA A 356 4.17 -33.42 -6.94
CA ALA A 356 4.27 -32.36 -5.93
C ALA A 356 4.02 -32.92 -4.53
N ALA A 357 5.07 -33.00 -3.74
CA ALA A 357 5.05 -33.76 -2.47
C ALA A 357 4.01 -33.26 -1.47
N LEU A 358 3.69 -31.97 -1.48
CA LEU A 358 2.70 -31.47 -0.52
C LEU A 358 1.98 -30.22 -1.03
N VAL A 359 1.14 -30.40 -2.05
CA VAL A 359 0.38 -29.29 -2.61
C VAL A 359 -0.64 -28.78 -1.59
N GLU A 360 -1.00 -27.50 -1.71
CA GLU A 360 -1.98 -26.92 -0.81
C GLU A 360 -2.47 -25.55 -1.30
N GLU A 361 -3.37 -24.96 -0.53
CA GLU A 361 -3.90 -23.63 -0.80
C GLU A 361 -3.87 -22.78 0.46
N ARG A 362 -3.70 -21.47 0.31
CA ARG A 362 -3.68 -20.58 1.46
C ARG A 362 -4.39 -19.27 1.14
N LYS A 363 -4.73 -18.53 2.19
CA LYS A 363 -5.40 -17.26 2.05
C LYS A 363 -4.44 -16.09 2.13
N VAL A 364 -4.32 -15.34 1.05
CA VAL A 364 -3.74 -14.01 1.12
C VAL A 364 -4.78 -13.12 1.79
N GLY A 365 -4.33 -12.14 2.56
CA GLY A 365 -5.22 -11.30 3.36
C GLY A 365 -6.53 -10.93 2.70
N GLU A 366 -6.51 -10.76 1.37
CA GLU A 366 -7.70 -10.37 0.63
C GLU A 366 -8.17 -11.42 -0.37
N ASP A 367 -7.39 -12.47 -0.59
CA ASP A 367 -7.67 -13.43 -1.66
C ASP A 367 -7.19 -14.85 -1.39
N LYS A 368 -7.80 -15.81 -2.08
CA LYS A 368 -7.32 -17.19 -2.10
C LYS A 368 -6.08 -17.28 -2.98
N MET A 369 -5.16 -18.17 -2.63
CA MET A 369 -3.96 -18.36 -3.45
C MET A 369 -3.45 -19.80 -3.40
N VAL A 370 -3.01 -20.29 -4.55
CA VAL A 370 -2.61 -21.68 -4.71
C VAL A 370 -1.11 -21.89 -4.49
N PHE A 371 -0.76 -22.93 -3.71
CA PHE A 371 0.63 -23.22 -3.39
C PHE A 371 1.00 -24.65 -3.77
N VAL A 372 2.08 -24.81 -4.53
CA VAL A 372 2.55 -26.14 -4.94
C VAL A 372 3.84 -26.53 -4.20
N GLU A 373 3.73 -26.74 -2.90
CA GLU A 373 4.90 -27.03 -2.07
C GLU A 373 5.32 -28.50 -2.16
N GLY A 374 6.64 -28.72 -2.09
CA GLY A 374 7.20 -30.05 -2.14
C GLY A 374 7.38 -30.51 -3.58
N ALA A 375 7.55 -29.56 -4.48
CA ALA A 375 7.81 -29.89 -5.88
C ALA A 375 9.08 -30.72 -5.98
N LYS A 376 9.07 -31.69 -6.89
CA LYS A 376 10.18 -32.62 -7.04
C LYS A 376 11.51 -31.93 -7.28
N ASN A 377 11.56 -31.10 -8.31
CA ASN A 377 12.79 -30.46 -8.74
C ASN A 377 13.44 -29.64 -7.62
N PRO A 378 14.77 -29.81 -7.43
CA PRO A 378 15.44 -29.03 -6.39
C PRO A 378 15.36 -27.53 -6.68
N LYS A 379 15.55 -27.17 -7.94
CA LYS A 379 15.56 -25.76 -8.35
C LYS A 379 14.15 -25.24 -8.55
N SER A 380 13.43 -25.05 -7.45
CA SER A 380 12.10 -24.45 -7.48
C SER A 380 12.03 -23.32 -6.47
N VAL A 381 11.35 -22.23 -6.84
CA VAL A 381 11.21 -21.09 -5.94
C VAL A 381 10.19 -20.09 -6.46
N SER A 382 9.47 -19.46 -5.53
CA SER A 382 8.51 -18.42 -5.89
C SER A 382 8.52 -17.33 -4.81
N ILE A 383 8.07 -16.14 -5.17
CA ILE A 383 8.01 -15.04 -4.22
C ILE A 383 6.67 -14.31 -4.26
N LEU A 384 6.15 -14.03 -3.08
CA LEU A 384 4.95 -13.21 -2.91
C LEU A 384 5.38 -11.79 -2.60
N ILE A 385 4.87 -10.87 -3.40
CA ILE A 385 5.11 -9.44 -3.23
C ILE A 385 3.89 -8.78 -2.59
N ARG A 386 4.15 -7.83 -1.69
CA ARG A 386 3.09 -7.13 -0.98
C ARG A 386 3.37 -5.64 -0.86
N GLY A 387 2.31 -4.85 -0.75
CA GLY A 387 2.45 -3.40 -0.65
C GLY A 387 1.12 -2.70 -0.72
N GLY A 388 1.17 -1.38 -0.92
CA GLY A 388 -0.03 -0.57 -0.99
C GLY A 388 -0.47 -0.30 -2.42
N LEU A 389 0.04 0.79 -2.99
CA LEU A 389 -0.34 1.21 -4.33
C LEU A 389 0.24 0.30 -5.40
N GLU A 390 -0.25 0.43 -6.63
CA GLU A 390 0.22 -0.39 -7.73
C GLU A 390 1.67 -0.07 -8.08
N ARG A 391 2.00 1.22 -8.12
CA ARG A 391 3.34 1.65 -8.47
C ARG A 391 4.36 0.99 -7.56
N VAL A 392 4.02 0.85 -6.29
CA VAL A 392 4.91 0.24 -5.31
C VAL A 392 5.19 -1.22 -5.66
N VAL A 393 4.13 -2.01 -5.73
CA VAL A 393 4.29 -3.44 -6.00
C VAL A 393 4.92 -3.68 -7.37
N ASP A 394 4.59 -2.83 -8.34
CA ASP A 394 5.18 -2.97 -9.67
C ASP A 394 6.67 -2.66 -9.64
N GLU A 395 7.03 -1.53 -9.07
CA GLU A 395 8.44 -1.14 -8.95
C GLU A 395 9.19 -2.19 -8.16
N THR A 396 8.50 -2.78 -7.18
CA THR A 396 9.08 -3.85 -6.39
C THR A 396 9.36 -5.05 -7.28
N GLU A 397 8.37 -5.43 -8.07
CA GLU A 397 8.52 -6.54 -9.00
C GLU A 397 9.72 -6.32 -9.92
N ARG A 398 9.70 -5.21 -10.65
CA ARG A 398 10.74 -4.89 -11.61
C ARG A 398 12.12 -4.81 -10.95
N ALA A 399 12.17 -4.13 -9.81
CA ALA A 399 13.41 -4.02 -9.05
C ALA A 399 13.93 -5.41 -8.69
N LEU A 400 13.03 -6.25 -8.19
CA LEU A 400 13.41 -7.60 -7.80
C LEU A 400 13.91 -8.40 -8.99
N ARG A 401 13.26 -8.23 -10.14
CA ARG A 401 13.73 -8.84 -11.37
C ARG A 401 15.16 -8.39 -11.67
N ASP A 402 15.39 -7.08 -11.61
CA ASP A 402 16.74 -6.53 -11.82
C ASP A 402 17.75 -7.18 -10.88
N ALA A 403 17.41 -7.21 -9.60
CA ALA A 403 18.28 -7.82 -8.59
C ALA A 403 18.60 -9.27 -8.95
N LEU A 404 17.56 -10.06 -9.16
CA LEU A 404 17.72 -11.45 -9.54
C LEU A 404 18.66 -11.59 -10.73
N GLY A 405 18.44 -10.75 -11.75
CA GLY A 405 19.31 -10.75 -12.92
C GLY A 405 20.76 -10.52 -12.57
N THR A 406 21.03 -9.38 -11.94
CA THR A 406 22.39 -9.01 -11.59
C THR A 406 23.06 -10.12 -10.79
N VAL A 407 22.42 -10.54 -9.71
CA VAL A 407 22.99 -11.57 -8.84
C VAL A 407 23.23 -12.87 -9.61
N ALA A 408 22.26 -13.26 -10.41
CA ALA A 408 22.37 -14.45 -11.23
C ALA A 408 23.60 -14.37 -12.11
N ASP A 409 23.78 -13.23 -12.77
CA ASP A 409 24.95 -13.03 -13.62
C ASP A 409 26.25 -13.05 -12.82
N VAL A 410 26.24 -12.46 -11.63
CA VAL A 410 27.41 -12.52 -10.76
C VAL A 410 27.77 -13.98 -10.47
N ILE A 411 26.78 -14.77 -10.09
CA ILE A 411 26.99 -16.17 -9.78
C ILE A 411 27.51 -16.93 -11.00
N ARG A 412 26.76 -16.84 -12.10
CA ARG A 412 27.09 -17.60 -13.30
C ARG A 412 28.42 -17.18 -13.93
N ASP A 413 28.74 -15.89 -13.84
CA ASP A 413 30.00 -15.40 -14.40
C ASP A 413 31.13 -15.54 -13.40
N GLY A 414 30.93 -15.03 -12.18
CA GLY A 414 31.92 -15.15 -11.13
C GLY A 414 32.93 -14.02 -11.09
N ARG A 415 32.50 -12.83 -11.49
CA ARG A 415 33.33 -11.63 -11.43
C ARG A 415 32.49 -10.41 -11.15
N ALA A 416 33.03 -9.47 -10.39
CA ALA A 416 32.30 -8.27 -10.04
C ALA A 416 33.23 -7.06 -9.98
N VAL A 417 32.67 -5.89 -10.24
CA VAL A 417 33.42 -4.65 -10.25
C VAL A 417 32.70 -3.58 -9.44
N ALA A 418 33.36 -2.43 -9.27
CA ALA A 418 32.78 -1.35 -8.48
C ALA A 418 32.00 -0.40 -9.37
N GLY A 419 30.85 0.03 -8.89
CA GLY A 419 30.05 1.01 -9.60
C GLY A 419 30.62 2.41 -9.38
N GLY A 420 29.75 3.41 -9.45
CA GLY A 420 30.17 4.79 -9.26
C GLY A 420 30.98 5.32 -10.44
N GLY A 421 31.12 4.50 -11.48
CA GLY A 421 31.85 4.91 -12.66
C GLY A 421 33.35 4.69 -12.56
N ALA A 422 33.76 3.82 -11.64
CA ALA A 422 35.17 3.50 -11.49
C ALA A 422 35.68 2.80 -12.75
N VAL A 423 35.00 1.72 -13.11
CA VAL A 423 35.35 0.97 -14.30
C VAL A 423 35.40 1.87 -15.52
N GLU A 424 34.50 2.84 -15.57
CA GLU A 424 34.39 3.74 -16.70
C GLU A 424 35.64 4.60 -16.82
N ILE A 425 35.98 5.32 -15.77
CA ILE A 425 37.15 6.19 -15.81
C ILE A 425 38.42 5.36 -15.98
N GLU A 426 38.40 4.14 -15.49
CA GLU A 426 39.49 3.22 -15.76
C GLU A 426 39.60 2.90 -17.25
N ILE A 427 38.47 2.57 -17.85
CA ILE A 427 38.46 2.25 -19.27
C ILE A 427 38.92 3.46 -20.07
N ALA A 428 38.39 4.64 -19.76
CA ALA A 428 38.83 5.86 -20.45
C ALA A 428 40.33 6.06 -20.28
N LYS A 429 40.79 5.95 -19.03
CA LYS A 429 42.19 6.06 -18.70
C LYS A 429 43.04 5.13 -19.57
N ARG A 430 42.59 3.89 -19.73
CA ARG A 430 43.28 2.93 -20.58
C ARG A 430 43.25 3.33 -22.05
N LEU A 431 42.07 3.70 -22.54
CA LEU A 431 41.90 4.05 -23.94
C LEU A 431 42.81 5.21 -24.35
N ARG A 432 42.89 6.22 -23.50
CA ARG A 432 43.76 7.35 -23.79
C ARG A 432 45.22 6.91 -23.94
N LYS A 433 45.63 5.91 -23.18
CA LYS A 433 46.98 5.38 -23.27
C LYS A 433 47.16 4.57 -24.55
N TYR A 434 46.16 3.75 -24.86
CA TYR A 434 46.23 2.90 -26.05
C TYR A 434 45.99 3.66 -27.35
N ALA A 435 45.32 4.79 -27.25
CA ALA A 435 44.92 5.55 -28.44
C ALA A 435 46.10 5.96 -29.34
N PRO A 436 47.14 6.57 -28.77
CA PRO A 436 48.25 7.00 -29.63
C PRO A 436 49.01 5.85 -30.27
N GLN A 437 48.77 4.63 -29.83
CA GLN A 437 49.52 3.50 -30.33
C GLN A 437 48.99 3.00 -31.67
N VAL A 438 47.84 3.49 -32.07
CA VAL A 438 47.28 3.14 -33.38
C VAL A 438 47.33 4.37 -34.30
N GLY A 439 46.71 4.23 -35.47
CA GLY A 439 46.79 5.25 -36.50
C GLY A 439 46.23 6.60 -36.10
N GLY A 440 46.18 7.51 -37.06
CA GLY A 440 45.74 8.87 -36.81
C GLY A 440 44.25 8.97 -36.56
N LYS A 441 43.45 8.74 -37.60
CA LYS A 441 42.01 8.98 -37.50
C LYS A 441 41.32 8.04 -36.52
N GLU A 442 41.87 6.84 -36.33
CA GLU A 442 41.30 5.91 -35.38
C GLU A 442 41.52 6.39 -33.94
N GLN A 443 42.70 6.94 -33.70
CA GLN A 443 43.05 7.47 -32.39
C GLN A 443 41.97 8.42 -31.89
N LEU A 444 41.53 9.32 -32.76
CA LEU A 444 40.49 10.27 -32.41
C LEU A 444 39.19 9.57 -32.03
N ALA A 445 38.85 8.53 -32.79
CA ALA A 445 37.65 7.76 -32.53
C ALA A 445 37.72 7.11 -31.16
N ILE A 446 38.88 6.53 -30.87
CA ILE A 446 39.10 5.88 -29.58
C ILE A 446 38.98 6.90 -28.45
N GLU A 447 39.69 8.03 -28.59
CA GLU A 447 39.59 9.10 -27.60
C GLU A 447 38.13 9.51 -27.40
N ALA A 448 37.43 9.69 -28.51
CA ALA A 448 36.01 10.03 -28.46
C ALA A 448 35.24 8.96 -27.72
N TYR A 449 35.58 7.69 -27.95
CA TYR A 449 34.97 6.59 -27.24
C TYR A 449 35.15 6.77 -25.73
N ALA A 450 36.39 7.02 -25.33
CA ALA A 450 36.69 7.25 -23.92
C ALA A 450 35.82 8.38 -23.36
N ASN A 451 35.80 9.52 -24.05
CA ASN A 451 34.96 10.63 -23.61
C ASN A 451 33.50 10.20 -23.46
N ALA A 452 33.00 9.49 -24.47
CA ALA A 452 31.63 9.00 -24.46
C ALA A 452 31.38 8.12 -23.24
N ILE A 453 32.37 7.33 -22.86
CA ILE A 453 32.27 6.58 -21.61
C ILE A 453 32.20 7.50 -20.40
N GLU A 454 33.10 8.49 -20.33
CA GLU A 454 33.08 9.44 -19.21
C GLU A 454 31.74 10.17 -19.09
N GLY A 455 31.09 10.38 -20.24
CA GLY A 455 29.76 10.94 -20.26
C GLY A 455 28.82 10.27 -19.27
N LEU A 456 28.98 8.96 -19.08
CA LEU A 456 28.15 8.22 -18.14
C LEU A 456 28.37 8.69 -16.71
N ILE A 457 29.63 8.85 -16.33
CA ILE A 457 29.96 9.38 -15.02
C ILE A 457 29.37 10.76 -14.86
N MET A 458 29.55 11.59 -15.88
CA MET A 458 29.00 12.94 -15.83
C MET A 458 27.48 12.94 -15.62
N ILE A 459 26.75 12.17 -16.43
CA ILE A 459 25.31 12.09 -16.30
C ILE A 459 24.92 11.54 -14.92
N LEU A 460 25.68 10.56 -14.47
CA LEU A 460 25.48 10.01 -13.15
C LEU A 460 25.63 11.09 -12.10
N ALA A 461 26.61 11.97 -12.29
CA ALA A 461 26.75 13.11 -11.39
C ALA A 461 25.58 14.06 -11.51
N GLU A 462 25.14 14.33 -12.73
CA GLU A 462 24.00 15.21 -12.96
C GLU A 462 22.76 14.74 -12.21
N ASN A 463 22.43 13.46 -12.35
CA ASN A 463 21.22 12.91 -11.73
C ASN A 463 21.24 12.94 -10.21
N ALA A 464 22.39 13.26 -9.62
CA ALA A 464 22.51 13.33 -8.17
C ALA A 464 22.54 14.78 -7.66
N GLY A 465 22.43 15.73 -8.57
CA GLY A 465 22.46 17.14 -8.20
C GLY A 465 23.86 17.61 -7.88
N LEU A 466 24.85 17.05 -8.59
CA LEU A 466 26.26 17.43 -8.42
C LEU A 466 26.83 18.04 -9.70
N ASP A 467 27.96 18.74 -9.58
CA ASP A 467 28.62 19.31 -10.74
C ASP A 467 29.37 18.20 -11.48
N PRO A 468 29.00 17.92 -12.74
CA PRO A 468 29.61 16.78 -13.43
C PRO A 468 31.12 16.89 -13.58
N ILE A 469 31.57 17.95 -14.24
CA ILE A 469 32.97 18.11 -14.61
C ILE A 469 33.89 18.00 -13.41
N ASP A 470 33.57 18.70 -12.32
CA ASP A 470 34.41 18.69 -11.14
C ASP A 470 34.65 17.28 -10.64
N LYS A 471 33.59 16.51 -10.52
CA LYS A 471 33.69 15.16 -10.02
C LYS A 471 34.43 14.28 -11.01
N LEU A 472 34.17 14.48 -12.29
CA LEU A 472 34.92 13.76 -13.31
C LEU A 472 36.41 14.01 -13.12
N MET A 473 36.80 15.29 -13.03
CA MET A 473 38.20 15.65 -12.88
C MET A 473 38.76 15.05 -11.60
N GLN A 474 37.99 15.11 -10.53
CA GLN A 474 38.40 14.52 -9.26
C GLN A 474 38.73 13.05 -9.44
N LEU A 475 37.76 12.28 -9.93
CA LEU A 475 37.97 10.85 -10.15
C LEU A 475 39.15 10.60 -11.09
N ARG A 476 39.25 11.38 -12.15
CA ARG A 476 40.34 11.24 -13.09
C ARG A 476 41.66 11.44 -12.37
N SER A 477 41.72 12.43 -11.49
CA SER A 477 42.92 12.70 -10.73
C SER A 477 43.22 11.57 -9.78
N LEU A 478 42.18 11.04 -9.15
CA LEU A 478 42.34 9.95 -8.20
C LEU A 478 42.81 8.68 -8.89
N HIS A 479 42.31 8.43 -10.09
CA HIS A 479 42.61 7.18 -10.79
C HIS A 479 43.98 7.21 -11.47
N GLU A 480 44.82 8.15 -11.10
CA GLU A 480 46.21 8.13 -11.51
C GLU A 480 46.98 7.14 -10.65
N ASN A 481 46.43 6.84 -9.47
CA ASN A 481 47.02 5.85 -8.58
C ASN A 481 46.45 4.46 -8.84
N GLU A 482 47.36 3.49 -8.93
CA GLU A 482 46.98 2.11 -9.11
C GLU A 482 46.06 1.65 -7.98
N THR A 483 46.21 2.29 -6.83
CA THR A 483 45.55 1.85 -5.61
C THR A 483 44.17 2.49 -5.43
N ASN A 484 43.70 3.22 -6.44
CA ASN A 484 42.38 3.83 -6.39
C ASN A 484 41.53 3.39 -7.57
N LYS A 485 41.76 2.16 -8.03
CA LYS A 485 41.08 1.69 -9.22
C LYS A 485 39.62 1.36 -8.93
N TRP A 486 39.22 1.47 -7.66
CA TRP A 486 37.84 1.19 -7.28
C TRP A 486 37.08 2.46 -6.97
N TYR A 487 37.81 3.55 -6.80
CA TYR A 487 37.19 4.82 -6.42
C TYR A 487 36.14 5.29 -7.41
N GLY A 488 34.98 5.62 -6.87
CA GLY A 488 33.88 6.14 -7.67
C GLY A 488 33.21 7.27 -6.95
N LEU A 489 32.01 7.62 -7.39
CA LEU A 489 31.32 8.80 -6.91
C LEU A 489 30.23 8.45 -5.91
N ASN A 490 30.40 8.89 -4.66
CA ASN A 490 29.35 8.78 -3.66
C ASN A 490 28.35 9.91 -3.84
N LEU A 491 27.17 9.58 -4.34
CA LEU A 491 26.21 10.59 -4.78
C LEU A 491 25.51 11.26 -3.60
N PHE A 492 25.27 10.52 -2.54
CA PHE A 492 24.64 11.07 -1.37
C PHE A 492 25.63 11.95 -0.61
N THR A 493 26.83 11.44 -0.43
CA THR A 493 27.89 12.20 0.24
C THR A 493 28.27 13.38 -0.61
N GLY A 494 28.40 13.13 -1.92
CA GLY A 494 28.77 14.14 -2.88
C GLY A 494 30.23 14.07 -3.29
N ASN A 495 31.02 13.33 -2.51
CA ASN A 495 32.45 13.25 -2.76
C ASN A 495 32.88 11.88 -3.28
N PRO A 496 34.03 11.83 -3.96
CA PRO A 496 34.58 10.54 -4.41
C PRO A 496 34.98 9.62 -3.26
N GLU A 497 34.70 8.32 -3.40
CA GLU A 497 35.05 7.34 -2.38
C GLU A 497 35.26 5.97 -2.98
N ASP A 498 36.00 5.11 -2.27
CA ASP A 498 36.18 3.73 -2.71
C ASP A 498 34.84 3.02 -2.74
N MET A 499 34.36 2.73 -3.94
CA MET A 499 33.01 2.21 -4.09
C MET A 499 32.88 0.76 -3.67
N TRP A 500 34.00 0.09 -3.44
CA TRP A 500 33.93 -1.33 -3.09
C TRP A 500 33.51 -1.51 -1.63
N LYS A 501 34.05 -0.67 -0.74
CA LYS A 501 33.73 -0.80 0.67
C LYS A 501 32.28 -0.42 0.92
N LEU A 502 31.76 0.49 0.11
CA LEU A 502 30.39 0.97 0.29
C LEU A 502 29.37 0.02 -0.31
N GLY A 503 29.83 -1.13 -0.80
CA GLY A 503 28.93 -2.13 -1.34
C GLY A 503 28.31 -1.73 -2.66
N VAL A 504 28.97 -0.83 -3.38
CA VAL A 504 28.54 -0.48 -4.72
C VAL A 504 29.24 -1.39 -5.70
N ILE A 505 28.72 -2.62 -5.82
CA ILE A 505 29.32 -3.65 -6.65
C ILE A 505 28.34 -4.12 -7.71
N GLU A 506 28.87 -4.40 -8.90
CA GLU A 506 28.03 -4.85 -10.02
C GLU A 506 28.74 -5.97 -10.80
N PRO A 507 27.97 -6.74 -11.56
CA PRO A 507 28.57 -7.87 -12.28
C PRO A 507 29.38 -7.40 -13.47
N ALA A 508 30.59 -7.90 -13.63
CA ALA A 508 31.45 -7.48 -14.74
C ALA A 508 30.74 -7.77 -16.06
N LEU A 509 30.06 -8.90 -16.10
CA LEU A 509 29.37 -9.35 -17.30
C LEU A 509 28.35 -8.31 -17.77
N VAL A 510 27.68 -7.67 -16.82
CA VAL A 510 26.71 -6.62 -17.15
C VAL A 510 27.38 -5.45 -17.84
N LYS A 511 28.46 -4.98 -17.25
CA LYS A 511 29.22 -3.88 -17.83
C LYS A 511 29.70 -4.25 -19.23
N MET A 512 30.35 -5.41 -19.34
CA MET A 512 30.84 -5.90 -20.61
C MET A 512 29.73 -5.92 -21.64
N ASN A 513 28.60 -6.53 -21.29
CA ASN A 513 27.47 -6.62 -22.19
C ASN A 513 26.93 -5.26 -22.61
N ALA A 514 26.84 -4.35 -21.67
CA ALA A 514 26.40 -2.99 -21.95
C ALA A 514 27.29 -2.35 -23.01
N VAL A 515 28.60 -2.38 -22.75
CA VAL A 515 29.60 -1.87 -23.70
C VAL A 515 29.43 -2.50 -25.07
N LYS A 516 29.40 -3.82 -25.07
CA LYS A 516 29.24 -4.61 -26.29
C LYS A 516 28.01 -4.18 -27.09
N ALA A 517 26.85 -4.19 -26.45
CA ALA A 517 25.60 -3.86 -27.12
C ALA A 517 25.57 -2.41 -27.60
N ALA A 518 26.06 -1.50 -26.78
CA ALA A 518 26.12 -0.09 -27.18
C ALA A 518 27.00 0.07 -28.42
N THR A 519 28.19 -0.52 -28.38
CA THR A 519 29.09 -0.49 -29.52
C THR A 519 28.40 -1.02 -30.78
N GLU A 520 27.82 -2.21 -30.66
CA GLU A 520 27.07 -2.82 -31.76
C GLU A 520 25.99 -1.87 -32.31
N ALA A 521 25.19 -1.30 -31.42
CA ALA A 521 24.15 -0.37 -31.82
C ALA A 521 24.69 0.82 -32.61
N VAL A 522 25.66 1.51 -32.03
CA VAL A 522 26.23 2.68 -32.70
C VAL A 522 26.87 2.34 -34.04
N THR A 523 27.60 1.23 -34.09
CA THR A 523 28.19 0.81 -35.36
C THR A 523 27.09 0.54 -36.36
N LEU A 524 26.03 -0.12 -35.93
CA LEU A 524 24.88 -0.32 -36.81
C LEU A 524 24.33 1.01 -37.32
N VAL A 525 24.20 1.98 -36.42
CA VAL A 525 23.74 3.32 -36.81
C VAL A 525 24.65 3.95 -37.84
N LEU A 526 25.95 3.81 -37.64
CA LEU A 526 26.93 4.39 -38.55
C LEU A 526 27.07 3.63 -39.87
N ARG A 527 26.87 2.32 -39.83
CA ARG A 527 27.03 1.51 -41.03
C ARG A 527 25.92 1.77 -42.05
N ILE A 528 24.70 2.01 -41.55
CA ILE A 528 23.56 2.25 -42.42
C ILE A 528 23.64 3.62 -43.06
N ASP A 529 23.58 3.65 -44.39
CA ASP A 529 23.72 4.88 -45.15
C ASP A 529 22.37 5.52 -45.46
N ASP A 530 21.38 4.67 -45.75
CA ASP A 530 20.05 5.16 -46.08
C ASP A 530 18.98 4.14 -45.70
N ILE A 531 17.74 4.61 -45.59
CA ILE A 531 16.60 3.78 -45.24
C ILE A 531 15.65 3.65 -46.43
N VAL A 532 15.27 2.41 -46.74
CA VAL A 532 14.49 2.10 -47.94
C VAL A 532 13.24 1.30 -47.60
N ALA A 533 12.15 1.58 -48.32
CA ALA A 533 10.90 0.84 -48.16
C ALA A 533 10.87 -0.34 -49.11
N ALA A 534 10.61 -1.54 -48.57
CA ALA A 534 10.65 -2.77 -49.37
C ALA A 534 9.30 -3.49 -49.36
N GLY A 535 9.28 -4.70 -49.91
CA GLY A 535 8.06 -5.49 -49.97
C GLY A 535 8.35 -6.97 -50.06
N ASP B 19 10.57 21.51 -15.92
CA ASP B 19 9.44 22.18 -16.54
C ASP B 19 8.19 21.32 -16.48
N ALA B 20 8.30 20.08 -16.92
CA ALA B 20 7.21 19.13 -16.75
C ALA B 20 7.01 18.86 -15.28
N LEU B 21 8.12 18.81 -14.56
CA LEU B 21 8.08 18.69 -13.11
C LEU B 21 7.32 19.85 -12.52
N ARG B 22 7.63 21.05 -12.99
CA ARG B 22 6.96 22.25 -12.51
C ARG B 22 5.48 22.21 -12.82
N ASN B 23 5.13 21.66 -13.98
CA ASN B 23 3.72 21.49 -14.33
C ASN B 23 3.04 20.54 -13.36
N ASN B 24 3.66 19.40 -13.11
CA ASN B 24 3.13 18.47 -12.12
C ASN B 24 2.95 19.17 -10.78
N ILE B 25 3.98 19.90 -10.38
CA ILE B 25 3.97 20.63 -9.12
C ILE B 25 2.82 21.60 -9.11
N LEU B 26 2.62 22.29 -10.23
CA LEU B 26 1.52 23.22 -10.30
C LEU B 26 0.23 22.43 -10.22
N ALA B 27 0.14 21.27 -10.86
CA ALA B 27 -1.10 20.50 -10.82
C ALA B 27 -1.49 20.15 -9.38
N ALA B 28 -0.57 19.47 -8.69
CA ALA B 28 -0.79 19.10 -7.31
C ALA B 28 -1.05 20.32 -6.43
N LYS B 29 -0.25 21.35 -6.62
CA LYS B 29 -0.40 22.59 -5.89
C LYS B 29 -1.80 23.19 -6.07
N THR B 30 -2.23 23.33 -7.33
CA THR B 30 -3.53 23.92 -7.66
C THR B 30 -4.63 23.09 -7.04
N LEU B 31 -4.47 21.77 -7.06
CA LEU B 31 -5.43 20.92 -6.36
C LEU B 31 -5.44 21.24 -4.86
N ALA B 32 -4.27 21.30 -4.26
CA ALA B 32 -4.18 21.57 -2.84
C ALA B 32 -4.76 22.94 -2.48
N GLU B 33 -4.64 23.90 -3.40
CA GLU B 33 -5.18 25.23 -3.17
C GLU B 33 -6.66 25.20 -2.85
N MET B 34 -7.40 24.29 -3.47
CA MET B 34 -8.84 24.21 -3.26
C MET B 34 -9.16 23.75 -1.85
N LEU B 35 -8.49 22.71 -1.39
CA LEU B 35 -8.77 22.15 -0.07
C LEU B 35 -8.12 22.97 1.05
N ARG B 36 -7.43 24.04 0.67
CA ARG B 36 -6.83 24.94 1.64
C ARG B 36 -7.92 25.54 2.53
N SER B 37 -9.06 25.86 1.93
CA SER B 37 -10.14 26.53 2.62
C SER B 37 -11.01 25.57 3.42
N SER B 38 -10.97 24.28 3.06
CA SER B 38 -11.82 23.29 3.70
C SER B 38 -11.18 22.71 4.97
N LEU B 39 -10.18 23.41 5.48
CA LEU B 39 -9.41 22.91 6.61
C LEU B 39 -10.03 23.30 7.94
N GLY B 40 -9.87 22.43 8.94
CA GLY B 40 -10.29 22.74 10.28
C GLY B 40 -11.79 22.92 10.43
N PRO B 41 -12.23 23.39 11.62
CA PRO B 41 -13.63 23.61 11.95
C PRO B 41 -14.36 24.51 10.95
N LYS B 42 -13.80 25.68 10.68
CA LYS B 42 -14.43 26.65 9.78
C LYS B 42 -14.17 26.31 8.32
N GLY B 43 -13.83 25.06 8.04
CA GLY B 43 -13.54 24.63 6.68
C GLY B 43 -14.72 24.93 5.77
N LEU B 44 -14.46 25.74 4.74
CA LEU B 44 -15.51 26.12 3.80
C LEU B 44 -16.01 24.90 3.04
N ASP B 45 -17.21 25.01 2.49
CA ASP B 45 -17.85 23.90 1.79
C ASP B 45 -17.34 23.77 0.36
N LYS B 46 -17.44 22.55 -0.15
CA LYS B 46 -17.17 22.27 -1.55
C LYS B 46 -18.35 21.53 -2.13
N MET B 47 -18.81 21.96 -3.30
CA MET B 47 -20.02 21.41 -3.91
C MET B 47 -19.70 20.41 -4.99
N LEU B 48 -20.03 19.14 -4.76
CA LEU B 48 -19.77 18.09 -5.71
C LEU B 48 -20.99 17.83 -6.58
N ILE B 49 -20.81 17.97 -7.90
CA ILE B 49 -21.87 17.70 -8.86
C ILE B 49 -21.81 16.27 -9.39
N ASP B 50 -22.67 15.41 -8.88
CA ASP B 50 -22.76 14.05 -9.40
C ASP B 50 -23.31 14.12 -10.82
N SER B 51 -22.46 13.75 -11.78
CA SER B 51 -22.75 13.89 -13.21
C SER B 51 -24.07 13.26 -13.63
N PHE B 52 -24.63 12.40 -12.79
CA PHE B 52 -25.92 11.76 -13.05
C PHE B 52 -27.07 12.76 -12.99
N GLY B 53 -26.76 13.99 -12.58
CA GLY B 53 -27.76 15.02 -12.40
C GLY B 53 -28.13 15.13 -10.94
N ASP B 54 -27.11 15.06 -10.08
CA ASP B 54 -27.32 15.13 -8.64
C ASP B 54 -26.14 15.85 -7.99
N VAL B 55 -26.29 16.26 -6.73
CA VAL B 55 -25.23 16.99 -6.03
C VAL B 55 -25.08 16.62 -4.57
N THR B 56 -23.88 16.81 -4.04
CA THR B 56 -23.58 16.61 -2.63
C THR B 56 -22.49 17.59 -2.21
N ILE B 57 -22.72 18.34 -1.13
CA ILE B 57 -21.75 19.35 -0.69
C ILE B 57 -21.13 18.99 0.64
N THR B 58 -19.87 19.36 0.84
CA THR B 58 -19.16 19.01 2.06
C THR B 58 -17.81 19.70 2.18
N ASN B 59 -17.31 19.78 3.42
CA ASN B 59 -15.96 20.25 3.68
C ASN B 59 -15.05 19.10 4.07
N ASP B 60 -15.52 17.88 3.80
CA ASP B 60 -14.77 16.67 4.12
C ASP B 60 -13.75 16.35 3.04
N GLY B 61 -12.52 16.10 3.44
CA GLY B 61 -11.48 15.75 2.49
C GLY B 61 -11.80 14.46 1.76
N ALA B 62 -12.13 13.43 2.52
CA ALA B 62 -12.36 12.10 1.97
C ALA B 62 -13.44 12.13 0.90
N THR B 63 -14.61 12.63 1.26
CA THR B 63 -15.72 12.69 0.33
C THR B 63 -15.33 13.42 -0.94
N ILE B 64 -14.81 14.63 -0.80
CA ILE B 64 -14.39 15.45 -1.93
C ILE B 64 -13.40 14.72 -2.80
N VAL B 65 -12.25 14.38 -2.23
CA VAL B 65 -11.18 13.72 -2.96
C VAL B 65 -11.67 12.44 -3.63
N LYS B 66 -12.48 11.67 -2.93
CA LYS B 66 -13.04 10.45 -3.48
C LYS B 66 -13.92 10.75 -4.67
N ASP B 67 -15.07 11.35 -4.40
CA ASP B 67 -16.12 11.48 -5.41
C ASP B 67 -15.71 12.36 -6.58
N MET B 68 -14.84 13.33 -6.34
CA MET B 68 -14.46 14.25 -7.39
C MET B 68 -13.72 13.51 -8.50
N GLU B 69 -13.98 13.91 -9.74
CA GLU B 69 -13.30 13.34 -10.90
C GLU B 69 -12.13 14.24 -11.26
N ILE B 70 -10.94 13.84 -10.81
CA ILE B 70 -9.74 14.64 -10.96
C ILE B 70 -9.21 14.60 -12.40
N GLN B 71 -8.52 15.67 -12.78
CA GLN B 71 -8.09 15.88 -14.15
C GLN B 71 -6.64 15.44 -14.40
N HIS B 72 -5.71 16.20 -13.84
CA HIS B 72 -4.27 16.01 -14.08
C HIS B 72 -3.72 14.78 -13.38
N PRO B 73 -2.76 14.07 -14.02
CA PRO B 73 -2.16 12.87 -13.40
C PRO B 73 -1.53 13.13 -12.03
N ALA B 74 -0.69 14.15 -11.93
CA ALA B 74 -0.05 14.49 -10.66
C ALA B 74 -1.10 14.69 -9.58
N ALA B 75 -2.12 15.47 -9.91
CA ALA B 75 -3.22 15.69 -9.01
C ALA B 75 -3.90 14.36 -8.66
N LYS B 76 -4.01 13.49 -9.65
CA LYS B 76 -4.60 12.16 -9.43
C LYS B 76 -3.73 11.38 -8.46
N LEU B 77 -2.42 11.55 -8.57
CA LEU B 77 -1.52 10.87 -7.66
C LEU B 77 -1.68 11.43 -6.25
N LEU B 78 -1.85 12.74 -6.16
CA LEU B 78 -2.10 13.36 -4.85
C LEU B 78 -3.41 12.82 -4.27
N VAL B 79 -4.42 12.69 -5.12
CA VAL B 79 -5.68 12.07 -4.74
C VAL B 79 -5.43 10.67 -4.21
N GLU B 80 -4.62 9.90 -4.92
CA GLU B 80 -4.23 8.56 -4.52
C GLU B 80 -3.61 8.56 -3.11
N ALA B 81 -2.66 9.45 -2.90
CA ALA B 81 -2.03 9.61 -1.59
C ALA B 81 -3.07 9.92 -0.52
N ALA B 82 -3.96 10.85 -0.81
CA ALA B 82 -5.01 11.22 0.12
C ALA B 82 -5.91 10.02 0.45
N LYS B 83 -6.27 9.27 -0.59
CA LYS B 83 -7.12 8.10 -0.41
C LYS B 83 -6.44 7.08 0.49
N ALA B 84 -5.14 6.88 0.29
CA ALA B 84 -4.36 6.04 1.20
C ALA B 84 -4.42 6.58 2.62
N GLN B 85 -4.17 7.89 2.73
CA GLN B 85 -4.22 8.58 4.02
C GLN B 85 -5.55 8.35 4.74
N ASP B 86 -6.64 8.41 3.98
CA ASP B 86 -7.95 8.13 4.55
C ASP B 86 -8.08 6.66 4.93
N ALA B 87 -7.61 5.79 4.06
CA ALA B 87 -7.69 4.35 4.28
C ALA B 87 -7.05 3.96 5.60
N GLU B 88 -5.84 4.46 5.85
CA GLU B 88 -5.15 4.12 7.09
C GLU B 88 -5.90 4.62 8.32
N VAL B 89 -6.45 5.83 8.23
CA VAL B 89 -7.21 6.40 9.35
C VAL B 89 -8.14 7.50 8.83
N GLY B 90 -9.29 7.66 9.47
CA GLY B 90 -10.35 8.50 8.93
C GLY B 90 -10.22 9.98 9.17
N ASP B 91 -9.72 10.37 10.35
CA ASP B 91 -9.75 11.76 10.77
C ASP B 91 -9.05 12.71 9.80
N GLY B 92 -7.73 12.57 9.66
CA GLY B 92 -6.96 13.50 8.86
C GLY B 92 -6.79 13.07 7.42
N THR B 93 -7.31 13.87 6.49
CA THR B 93 -7.17 13.62 5.06
C THR B 93 -6.78 14.89 4.33
N THR B 94 -7.56 15.95 4.55
CA THR B 94 -7.27 17.26 3.96
C THR B 94 -5.93 17.79 4.46
N SER B 95 -5.70 17.59 5.75
CA SER B 95 -4.49 18.06 6.40
C SER B 95 -3.26 17.54 5.67
N ALA B 96 -3.38 16.35 5.08
CA ALA B 96 -2.28 15.77 4.35
C ALA B 96 -2.10 16.49 3.02
N VAL B 97 -3.22 16.72 2.33
CA VAL B 97 -3.17 17.32 0.99
C VAL B 97 -2.66 18.76 1.04
N VAL B 98 -3.19 19.54 1.97
CA VAL B 98 -2.73 20.92 2.15
C VAL B 98 -1.24 20.94 2.42
N LEU B 99 -0.80 20.05 3.30
CA LEU B 99 0.61 19.93 3.64
C LEU B 99 1.43 19.59 2.40
N ALA B 100 1.01 18.57 1.67
CA ALA B 100 1.72 18.18 0.45
C ALA B 100 1.88 19.38 -0.46
N GLY B 101 0.77 20.08 -0.70
CA GLY B 101 0.79 21.28 -1.50
C GLY B 101 1.81 22.28 -0.99
N ALA B 102 1.83 22.47 0.33
CA ALA B 102 2.79 23.37 0.96
C ALA B 102 4.24 22.95 0.70
N LEU B 103 4.50 21.65 0.83
CA LEU B 103 5.83 21.11 0.56
C LEU B 103 6.27 21.38 -0.88
N LEU B 104 5.39 21.07 -1.82
CA LEU B 104 5.70 21.32 -3.23
C LEU B 104 5.91 22.81 -3.49
N GLU B 105 5.04 23.63 -2.91
CA GLU B 105 5.15 25.09 -3.07
C GLU B 105 6.47 25.59 -2.49
N LYS B 106 6.91 25.00 -1.40
CA LYS B 106 8.18 25.39 -0.82
C LYS B 106 9.33 24.77 -1.60
N ALA B 107 9.07 23.66 -2.27
CA ALA B 107 10.09 23.05 -3.10
C ALA B 107 10.35 23.89 -4.36
N GLU B 108 9.27 24.36 -4.99
CA GLU B 108 9.44 25.11 -6.23
C GLU B 108 10.24 26.39 -6.01
N SER B 109 10.33 26.83 -4.76
CA SER B 109 11.15 28.00 -4.43
C SER B 109 12.62 27.61 -4.38
N LEU B 110 12.87 26.36 -3.99
CA LEU B 110 14.23 25.84 -3.96
C LEU B 110 14.69 25.44 -5.35
N LEU B 111 13.76 25.00 -6.19
CA LEU B 111 14.10 24.75 -7.59
C LEU B 111 14.61 26.03 -8.25
N ASP B 112 14.02 27.16 -7.86
CA ASP B 112 14.46 28.44 -8.37
C ASP B 112 15.82 28.79 -7.80
N GLN B 113 16.16 28.19 -6.67
CA GLN B 113 17.51 28.30 -6.14
C GLN B 113 18.44 27.35 -6.88
N ASN B 114 17.90 26.68 -7.89
CA ASN B 114 18.68 25.77 -8.72
C ASN B 114 19.18 24.57 -7.91
N ILE B 115 18.31 24.08 -7.03
CA ILE B 115 18.61 22.89 -6.24
C ILE B 115 17.92 21.67 -6.83
N HIS B 116 18.70 20.67 -7.25
CA HIS B 116 18.17 19.49 -7.90
C HIS B 116 17.10 18.82 -7.03
N PRO B 117 16.02 18.32 -7.64
CA PRO B 117 14.93 17.72 -6.87
C PRO B 117 15.37 16.65 -5.88
N THR B 118 16.27 15.76 -6.30
CA THR B 118 16.67 14.65 -5.45
C THR B 118 17.20 15.12 -4.10
N ILE B 119 17.93 16.23 -4.11
CA ILE B 119 18.45 16.84 -2.89
C ILE B 119 17.29 17.24 -1.98
N ILE B 120 16.34 17.98 -2.54
CA ILE B 120 15.14 18.38 -1.81
C ILE B 120 14.44 17.14 -1.26
N ILE B 121 14.34 16.10 -2.07
CA ILE B 121 13.69 14.87 -1.65
C ILE B 121 14.36 14.28 -0.42
N GLU B 122 15.69 14.11 -0.49
CA GLU B 122 16.41 13.58 0.65
C GLU B 122 16.23 14.47 1.88
N GLY B 123 16.33 15.78 1.68
CA GLY B 123 16.12 16.72 2.76
C GLY B 123 14.77 16.49 3.41
N TYR B 124 13.74 16.39 2.58
CA TYR B 124 12.40 16.15 3.08
C TYR B 124 12.30 14.81 3.81
N LYS B 125 12.98 13.80 3.29
CA LYS B 125 12.99 12.50 3.94
C LYS B 125 13.58 12.62 5.36
N LYS B 126 14.76 13.23 5.45
CA LYS B 126 15.43 13.41 6.73
C LYS B 126 14.53 14.20 7.69
N ALA B 127 14.02 15.32 7.21
CA ALA B 127 13.13 16.14 8.01
C ALA B 127 11.95 15.31 8.50
N TYR B 128 11.38 14.51 7.62
CA TYR B 128 10.25 13.67 7.99
C TYR B 128 10.64 12.69 9.09
N ASN B 129 11.76 12.02 8.92
CA ASN B 129 12.23 11.08 9.91
C ASN B 129 12.46 11.75 11.27
N LYS B 130 13.10 12.90 11.26
CA LYS B 130 13.34 13.64 12.49
C LYS B 130 12.03 14.05 13.15
N ALA B 131 11.10 14.60 12.36
CA ALA B 131 9.80 14.99 12.89
C ALA B 131 9.10 13.79 13.49
N LEU B 132 9.07 12.72 12.73
CA LEU B 132 8.50 11.47 13.16
C LEU B 132 9.11 11.03 14.49
N GLU B 133 10.42 11.21 14.61
CA GLU B 133 11.10 10.94 15.87
C GLU B 133 10.66 11.91 16.96
N LEU B 134 10.45 13.17 16.59
CA LEU B 134 10.12 14.22 17.56
C LEU B 134 8.67 14.18 18.01
N LEU B 135 7.79 13.60 17.21
CA LEU B 135 6.37 13.53 17.55
C LEU B 135 6.13 12.99 18.97
N PRO B 136 6.67 11.81 19.28
CA PRO B 136 6.48 11.30 20.63
C PRO B 136 7.20 12.13 21.69
N GLN B 137 8.35 12.68 21.35
CA GLN B 137 9.11 13.51 22.29
C GLN B 137 8.29 14.70 22.76
N LEU B 138 7.43 15.20 21.87
CA LEU B 138 6.60 16.36 22.14
C LEU B 138 5.18 15.95 22.49
N GLY B 139 4.96 14.65 22.62
CA GLY B 139 3.64 14.12 22.92
C GLY B 139 3.41 14.00 24.41
N THR B 140 2.19 14.32 24.83
CA THR B 140 1.79 14.20 26.23
C THR B 140 1.03 12.89 26.44
N ARG B 141 1.69 11.91 27.03
CA ARG B 141 1.07 10.61 27.25
C ARG B 141 -0.02 10.75 28.31
N ILE B 142 -1.03 9.89 28.24
CA ILE B 142 -2.18 9.96 29.12
C ILE B 142 -2.29 8.76 30.04
N ASP B 143 -3.25 8.83 30.97
CA ASP B 143 -3.52 7.77 31.91
C ASP B 143 -4.75 7.03 31.51
N ILE B 144 -4.61 5.74 31.24
CA ILE B 144 -5.75 4.93 30.87
C ILE B 144 -6.04 3.87 31.88
N LYS B 145 -5.54 4.04 33.09
CA LYS B 145 -5.69 3.01 34.10
C LYS B 145 -7.08 3.09 34.76
N ASP B 146 -8.08 2.58 34.05
CA ASP B 146 -9.45 2.37 34.56
C ASP B 146 -10.29 3.65 34.56
N LEU B 147 -11.60 3.46 34.67
CA LEU B 147 -12.54 4.57 34.80
C LEU B 147 -12.95 4.80 36.24
N ASN B 148 -12.40 3.99 37.14
CA ASN B 148 -12.65 4.13 38.57
C ASN B 148 -12.11 5.47 39.02
N SER B 149 -11.05 5.91 38.36
CA SER B 149 -10.28 7.05 38.83
C SER B 149 -10.83 8.38 38.32
N SER B 150 -11.43 8.33 37.15
CA SER B 150 -12.01 9.49 36.46
C SER B 150 -10.98 10.34 35.73
N VAL B 151 -9.71 9.92 35.77
CA VAL B 151 -8.66 10.58 35.01
C VAL B 151 -8.98 10.41 33.52
N ALA B 152 -9.30 9.17 33.17
CA ALA B 152 -9.67 8.84 31.81
C ALA B 152 -10.88 9.65 31.41
N ARG B 153 -11.84 9.81 32.32
CA ARG B 153 -13.03 10.55 31.99
C ARG B 153 -12.68 12.00 31.62
N ASP B 154 -11.83 12.64 32.41
CA ASP B 154 -11.44 14.02 32.13
C ASP B 154 -10.79 14.10 30.77
N THR B 155 -9.86 13.19 30.50
CA THR B 155 -9.27 13.14 29.16
C THR B 155 -10.33 12.95 28.06
N LEU B 156 -11.19 11.95 28.26
CA LEU B 156 -12.26 11.60 27.33
C LEU B 156 -13.24 12.75 27.18
N ARG B 157 -13.36 13.56 28.25
CA ARG B 157 -14.26 14.70 28.23
C ARG B 157 -13.64 15.77 27.38
N LYS B 158 -12.36 16.03 27.60
CA LYS B 158 -11.64 17.01 26.80
C LYS B 158 -11.70 16.67 25.32
N ILE B 159 -11.33 15.43 24.98
CA ILE B 159 -11.33 15.02 23.57
C ILE B 159 -12.74 14.97 23.01
N ALA B 160 -13.69 14.51 23.84
CA ALA B 160 -15.09 14.56 23.46
C ALA B 160 -15.44 15.97 23.03
N PHE B 161 -15.25 16.93 23.92
CA PHE B 161 -15.54 18.32 23.60
C PHE B 161 -14.71 18.82 22.43
N THR B 162 -13.48 18.32 22.29
CA THR B 162 -12.65 18.69 21.15
C THR B 162 -13.40 18.38 19.85
N THR B 163 -13.83 17.13 19.71
CA THR B 163 -14.52 16.72 18.49
C THR B 163 -15.94 17.28 18.42
N LEU B 164 -16.60 17.35 19.56
CA LEU B 164 -18.02 17.68 19.62
C LEU B 164 -18.26 19.18 19.39
N ALA B 165 -17.38 20.00 19.96
CA ALA B 165 -17.57 21.45 19.96
C ALA B 165 -17.75 22.03 18.57
N SER B 166 -16.93 21.56 17.62
CA SER B 166 -16.98 22.09 16.26
C SER B 166 -18.32 21.80 15.58
N LYS B 167 -18.89 20.63 15.85
CA LYS B 167 -20.04 20.15 15.10
C LYS B 167 -21.38 20.30 15.84
N PHE B 168 -21.37 20.68 17.12
CA PHE B 168 -22.63 20.77 17.86
C PHE B 168 -23.12 22.21 17.98
N ILE B 169 -24.42 22.38 17.76
CA ILE B 169 -25.14 23.62 18.08
C ILE B 169 -26.12 23.34 19.22
N ALA B 170 -26.14 22.09 19.68
CA ALA B 170 -27.04 21.66 20.75
C ALA B 170 -26.60 22.23 22.08
N GLU B 171 -27.49 22.20 23.07
CA GLU B 171 -27.15 22.70 24.40
C GLU B 171 -26.19 21.75 25.10
N GLY B 172 -25.34 22.31 25.95
CA GLY B 172 -24.30 21.54 26.62
C GLY B 172 -24.83 20.44 27.52
N ALA B 173 -25.94 20.71 28.21
CA ALA B 173 -26.52 19.75 29.12
C ALA B 173 -26.93 18.47 28.38
N GLU B 174 -27.52 18.65 27.20
CA GLU B 174 -27.88 17.50 26.36
C GLU B 174 -26.64 16.76 25.90
N LEU B 175 -25.62 17.51 25.55
CA LEU B 175 -24.36 16.95 25.08
C LEU B 175 -23.69 16.10 26.15
N ASN B 176 -23.66 16.62 27.36
CA ASN B 176 -23.03 15.94 28.50
C ASN B 176 -23.53 14.52 28.66
N LYS B 177 -24.84 14.33 28.48
CA LYS B 177 -25.44 13.01 28.58
C LYS B 177 -24.88 12.07 27.49
N ILE B 178 -24.79 12.60 26.28
CA ILE B 178 -24.24 11.83 25.16
C ILE B 178 -22.80 11.42 25.49
N ILE B 179 -22.03 12.36 26.00
CA ILE B 179 -20.65 12.05 26.40
C ILE B 179 -20.65 10.98 27.49
N ASP B 180 -21.54 11.11 28.46
CA ASP B 180 -21.67 10.11 29.53
C ASP B 180 -21.90 8.73 28.92
N MET B 181 -22.79 8.67 27.94
CA MET B 181 -23.06 7.43 27.24
C MET B 181 -21.81 6.86 26.59
N VAL B 182 -21.13 7.68 25.78
CA VAL B 182 -19.92 7.23 25.11
C VAL B 182 -18.90 6.67 26.11
N ILE B 183 -18.70 7.38 27.21
CA ILE B 183 -17.83 6.91 28.28
C ILE B 183 -18.26 5.53 28.77
N ASP B 184 -19.53 5.43 29.16
CA ASP B 184 -20.12 4.18 29.61
C ASP B 184 -19.90 3.08 28.58
N ALA B 185 -19.92 3.46 27.30
CA ALA B 185 -19.64 2.50 26.24
C ALA B 185 -18.19 2.05 26.32
N ILE B 186 -17.28 3.03 26.31
CA ILE B 186 -15.86 2.72 26.30
C ILE B 186 -15.45 1.81 27.45
N VAL B 187 -16.06 1.97 28.63
CA VAL B 187 -15.75 1.04 29.74
C VAL B 187 -15.74 -0.42 29.28
N ASN B 188 -16.73 -0.78 28.48
CA ASN B 188 -16.99 -2.17 28.14
C ASN B 188 -16.10 -2.70 27.03
N VAL B 189 -15.59 -1.79 26.21
CA VAL B 189 -14.89 -2.16 24.98
C VAL B 189 -13.48 -2.69 25.24
N ALA B 190 -12.97 -3.50 24.31
CA ALA B 190 -11.76 -4.29 24.50
C ALA B 190 -10.48 -3.46 24.59
N GLU B 191 -9.36 -4.15 24.81
CA GLU B 191 -8.06 -3.53 25.00
C GLU B 191 -6.93 -4.42 24.45
N PRO B 192 -5.98 -3.82 23.70
CA PRO B 192 -4.71 -4.50 23.38
C PRO B 192 -3.64 -4.09 24.37
N LEU B 193 -2.84 -5.05 24.81
CA LEU B 193 -1.86 -4.81 25.86
C LEU B 193 -0.57 -4.08 25.43
N PRO B 194 -0.05 -4.36 24.22
CA PRO B 194 1.35 -4.00 23.97
C PRO B 194 1.70 -2.53 24.22
N ASN B 195 0.86 -1.61 23.79
CA ASN B 195 1.15 -0.18 23.93
C ASN B 195 0.39 0.48 25.07
N GLY B 196 -0.20 -0.33 25.94
CA GLY B 196 -0.96 0.17 27.07
C GLY B 196 -2.13 1.03 26.62
N GLY B 197 -2.64 0.73 25.43
CA GLY B 197 -3.74 1.47 24.85
C GLY B 197 -4.99 0.61 24.74
N TYR B 198 -6.04 1.18 24.16
CA TYR B 198 -7.33 0.49 24.03
C TYR B 198 -7.81 0.50 22.59
N ASN B 199 -8.28 -0.66 22.14
CA ASN B 199 -8.73 -0.86 20.77
C ASN B 199 -10.24 -0.92 20.73
N VAL B 200 -10.85 0.23 20.43
CA VAL B 200 -12.30 0.33 20.44
C VAL B 200 -12.87 -0.26 19.15
N SER B 201 -13.41 -1.46 19.26
CA SER B 201 -14.06 -2.12 18.13
C SER B 201 -15.46 -1.53 17.95
N LEU B 202 -15.63 -0.71 16.93
CA LEU B 202 -16.90 -0.02 16.69
C LEU B 202 -18.02 -1.01 16.37
N ASP B 203 -17.65 -2.26 16.10
CA ASP B 203 -18.64 -3.31 15.92
C ASP B 203 -19.27 -3.68 17.27
N LEU B 204 -18.67 -3.18 18.35
CA LEU B 204 -19.19 -3.42 19.70
C LEU B 204 -20.03 -2.24 20.18
N ILE B 205 -20.71 -1.58 19.25
CA ILE B 205 -21.61 -0.48 19.61
C ILE B 205 -22.83 -0.43 18.71
N LYS B 206 -24.00 -0.45 19.32
CA LYS B 206 -25.27 -0.30 18.62
C LYS B 206 -25.85 1.08 18.92
N ILE B 207 -26.55 1.66 17.95
CA ILE B 207 -27.25 2.92 18.16
C ILE B 207 -28.65 2.82 17.58
N ASP B 208 -29.60 2.41 18.41
CA ASP B 208 -30.98 2.26 17.99
C ASP B 208 -31.71 3.60 18.03
N LYS B 209 -32.10 4.08 16.85
CA LYS B 209 -32.72 5.38 16.71
C LYS B 209 -34.22 5.33 16.97
N LYS B 210 -34.61 5.54 18.22
CA LYS B 210 -36.03 5.56 18.59
C LYS B 210 -36.62 6.96 18.38
N LYS B 211 -37.71 7.02 17.61
CA LYS B 211 -38.39 8.29 17.36
C LYS B 211 -39.34 8.60 18.51
N GLY B 212 -39.29 9.85 18.98
CA GLY B 212 -40.13 10.28 20.09
C GLY B 212 -39.38 10.26 21.41
N GLY B 213 -39.34 11.41 22.07
CA GLY B 213 -38.64 11.56 23.34
C GLY B 213 -37.46 12.50 23.22
N SER B 214 -37.01 13.02 24.36
CA SER B 214 -35.87 13.93 24.39
C SER B 214 -34.55 13.17 24.39
N ILE B 215 -33.48 13.86 24.01
CA ILE B 215 -32.15 13.25 23.92
C ILE B 215 -31.65 12.78 25.28
N GLU B 216 -32.04 13.50 26.33
CA GLU B 216 -31.60 13.15 27.67
C GLU B 216 -32.24 11.84 28.14
N ASP B 217 -33.33 11.45 27.51
CA ASP B 217 -34.01 10.19 27.83
C ASP B 217 -33.22 8.99 27.28
N SER B 218 -32.29 9.26 26.37
CA SER B 218 -31.49 8.20 25.77
C SER B 218 -30.76 7.41 26.85
N VAL B 219 -30.47 6.16 26.58
CA VAL B 219 -29.90 5.28 27.60
C VAL B 219 -29.04 4.17 27.00
N LEU B 220 -28.08 3.70 27.78
CA LEU B 220 -27.16 2.63 27.35
C LEU B 220 -27.41 1.35 28.14
N VAL B 221 -27.33 0.21 27.45
CA VAL B 221 -27.44 -1.09 28.10
C VAL B 221 -27.06 -2.20 27.13
N LYS B 222 -26.61 -3.34 27.66
CA LYS B 222 -26.23 -4.46 26.82
C LYS B 222 -27.47 -5.19 26.28
N GLY B 223 -28.27 -4.47 25.48
CA GLY B 223 -29.43 -5.05 24.83
C GLY B 223 -30.75 -4.72 25.50
N LEU B 224 -31.79 -4.50 24.68
CA LEU B 224 -33.14 -4.26 25.19
C LEU B 224 -34.15 -4.34 24.05
N VAL B 225 -35.35 -4.82 24.35
CA VAL B 225 -36.34 -5.13 23.33
C VAL B 225 -37.41 -4.05 23.16
N LEU B 226 -37.40 -3.04 24.02
CA LEU B 226 -38.35 -1.93 23.93
C LEU B 226 -39.80 -2.43 24.02
N ASP B 227 -40.05 -3.29 25.00
CA ASP B 227 -41.39 -3.80 25.25
C ASP B 227 -41.83 -3.53 26.68
N LYS B 228 -43.13 -3.47 26.89
CA LYS B 228 -43.71 -3.28 28.22
C LYS B 228 -44.13 -4.63 28.78
N GLU B 229 -44.26 -4.70 30.10
CA GLU B 229 -44.72 -5.92 30.75
C GLU B 229 -46.14 -6.24 30.31
N VAL B 230 -46.33 -7.42 29.74
CA VAL B 230 -47.61 -7.82 29.18
C VAL B 230 -48.73 -7.78 30.22
N VAL B 231 -48.42 -8.22 31.43
CA VAL B 231 -49.40 -8.27 32.50
C VAL B 231 -48.77 -7.74 33.78
N HIS B 232 -49.38 -6.71 34.36
CA HIS B 232 -48.84 -6.04 35.54
C HIS B 232 -48.63 -7.02 36.69
N PRO B 233 -49.60 -7.91 36.93
CA PRO B 233 -49.36 -9.04 37.85
C PRO B 233 -48.07 -9.80 37.52
N GLY B 234 -47.71 -9.84 36.24
CA GLY B 234 -46.51 -10.53 35.81
C GLY B 234 -45.26 -9.94 36.43
N MET B 235 -44.26 -10.79 36.63
CA MET B 235 -43.00 -10.37 37.25
C MET B 235 -42.30 -9.28 36.42
N PRO B 236 -42.15 -8.08 37.00
CA PRO B 236 -41.47 -7.01 36.25
C PRO B 236 -39.96 -6.94 36.50
N ARG B 237 -39.44 -7.79 37.37
CA ARG B 237 -38.01 -7.81 37.66
C ARG B 237 -37.55 -9.21 38.09
N ARG B 238 -36.51 -9.71 37.42
CA ARG B 238 -35.97 -11.03 37.72
C ARG B 238 -34.45 -10.96 37.94
N VAL B 239 -34.01 -11.33 39.13
CA VAL B 239 -32.60 -11.28 39.50
C VAL B 239 -31.79 -12.31 38.71
N THR B 240 -32.09 -13.59 38.92
CA THR B 240 -31.43 -14.67 38.18
C THR B 240 -32.39 -15.20 37.11
N LYS B 241 -32.09 -14.89 35.85
CA LYS B 241 -33.02 -15.08 34.76
C LYS B 241 -32.73 -16.31 33.90
N ALA B 242 -33.78 -16.84 33.27
CA ALA B 242 -33.66 -17.91 32.29
C ALA B 242 -34.68 -17.68 31.18
N LYS B 243 -34.20 -17.57 29.95
CA LYS B 243 -35.01 -17.06 28.85
C LYS B 243 -35.30 -18.10 27.77
N ILE B 244 -36.50 -18.02 27.20
CA ILE B 244 -36.90 -18.88 26.08
C ILE B 244 -37.45 -18.07 24.91
N ALA B 245 -37.10 -18.49 23.69
CA ALA B 245 -37.61 -17.88 22.47
C ALA B 245 -38.66 -18.78 21.84
N VAL B 246 -39.88 -18.25 21.70
CA VAL B 246 -41.00 -19.02 21.18
C VAL B 246 -41.46 -18.52 19.82
N LEU B 247 -41.40 -19.39 18.82
CA LEU B 247 -41.89 -19.06 17.48
C LEU B 247 -43.40 -18.89 17.45
N ASP B 248 -44.11 -19.76 18.17
CA ASP B 248 -45.58 -19.82 18.11
C ASP B 248 -46.25 -19.36 19.40
N ALA B 249 -47.18 -18.43 19.28
CA ALA B 249 -47.86 -17.88 20.45
C ALA B 249 -48.70 -18.91 21.20
N ALA B 250 -48.72 -18.78 22.51
CA ALA B 250 -49.49 -19.67 23.36
C ALA B 250 -50.86 -19.05 23.68
N GLU B 268 -53.53 -36.50 4.56
CA GLU B 268 -53.75 -37.87 5.02
C GLU B 268 -52.90 -38.16 6.24
N GLN B 269 -53.15 -39.31 6.88
CA GLN B 269 -52.63 -39.57 8.21
C GLN B 269 -53.06 -38.42 9.09
N ILE B 270 -54.36 -38.39 9.36
CA ILE B 270 -55.02 -37.23 9.95
C ILE B 270 -54.62 -37.01 11.40
N LYS B 271 -54.36 -35.74 11.73
CA LYS B 271 -54.01 -35.33 13.09
C LYS B 271 -54.99 -34.27 13.56
N ALA B 272 -55.65 -34.54 14.68
CA ALA B 272 -56.64 -33.61 15.24
C ALA B 272 -56.33 -33.32 16.69
N PHE B 273 -56.56 -32.07 17.09
CA PHE B 273 -56.27 -31.65 18.45
C PHE B 273 -57.28 -32.21 19.44
N LEU B 274 -56.79 -32.73 20.56
CA LEU B 274 -57.65 -33.32 21.58
C LEU B 274 -58.45 -32.23 22.28
N ASP B 275 -59.69 -32.53 22.62
CA ASP B 275 -60.60 -31.55 23.21
C ASP B 275 -60.16 -31.16 24.61
N GLU B 276 -59.08 -30.38 24.69
CA GLU B 276 -58.59 -29.86 25.96
C GLU B 276 -58.11 -28.41 25.75
N GLU B 277 -59.03 -27.46 25.85
CA GLU B 277 -58.73 -26.08 25.45
C GLU B 277 -57.80 -25.34 26.42
N SER B 278 -58.27 -25.11 27.64
CA SER B 278 -57.48 -24.35 28.62
C SER B 278 -56.39 -25.21 29.24
N LYS B 279 -56.70 -26.49 29.45
CA LYS B 279 -55.74 -27.44 29.98
C LYS B 279 -54.49 -27.45 29.11
N TYR B 280 -54.70 -27.36 27.80
CA TYR B 280 -53.60 -27.26 26.84
C TYR B 280 -52.69 -26.10 27.20
N LEU B 281 -53.23 -24.88 27.15
CA LEU B 281 -52.49 -23.67 27.50
C LEU B 281 -51.75 -23.84 28.82
N LYS B 282 -52.48 -24.26 29.86
CA LYS B 282 -51.88 -24.44 31.18
C LYS B 282 -50.68 -25.40 31.10
N ASP B 283 -50.87 -26.51 30.40
CA ASP B 283 -49.80 -27.49 30.24
C ASP B 283 -48.61 -26.91 29.48
N MET B 284 -48.89 -26.11 28.45
CA MET B 284 -47.82 -25.43 27.72
C MET B 284 -47.01 -24.56 28.68
N VAL B 285 -47.72 -23.73 29.44
CA VAL B 285 -47.07 -22.87 30.43
C VAL B 285 -46.31 -23.69 31.47
N ASP B 286 -46.89 -24.82 31.88
CA ASP B 286 -46.24 -25.69 32.85
C ASP B 286 -44.98 -26.32 32.27
N LYS B 287 -45.01 -26.65 30.97
CA LYS B 287 -43.85 -27.17 30.28
C LYS B 287 -42.76 -26.11 30.26
N LEU B 288 -43.14 -24.90 29.87
CA LEU B 288 -42.22 -23.77 29.89
C LEU B 288 -41.63 -23.56 31.29
N ALA B 289 -42.48 -23.69 32.30
CA ALA B 289 -42.02 -23.57 33.68
C ALA B 289 -41.18 -24.78 34.06
N SER B 290 -41.47 -25.92 33.46
CA SER B 290 -40.75 -27.15 33.76
C SER B 290 -39.32 -27.09 33.21
N ILE B 291 -39.16 -26.52 32.02
CA ILE B 291 -37.83 -26.34 31.44
C ILE B 291 -36.92 -25.55 32.38
N GLY B 292 -37.51 -24.62 33.11
CA GLY B 292 -36.79 -23.83 34.09
C GLY B 292 -36.55 -22.41 33.64
N ALA B 293 -37.50 -21.86 32.89
CA ALA B 293 -37.39 -20.51 32.37
C ALA B 293 -38.08 -19.51 33.28
N ASN B 294 -37.55 -18.29 33.33
CA ASN B 294 -38.13 -17.21 34.11
C ASN B 294 -38.65 -16.09 33.21
N VAL B 295 -38.26 -16.13 31.95
CA VAL B 295 -38.69 -15.15 30.97
C VAL B 295 -39.14 -15.83 29.68
N VAL B 296 -40.24 -15.34 29.12
CA VAL B 296 -40.76 -15.88 27.87
C VAL B 296 -41.08 -14.74 26.91
N ILE B 297 -40.28 -14.63 25.86
CA ILE B 297 -40.46 -13.60 24.85
C ILE B 297 -41.06 -14.22 23.60
N CYS B 298 -42.39 -14.35 23.61
CA CYS B 298 -43.09 -14.98 22.50
C CYS B 298 -42.99 -14.17 21.21
N GLN B 299 -42.80 -14.86 20.09
CA GLN B 299 -42.75 -14.22 18.78
C GLN B 299 -44.11 -13.69 18.36
N LYS B 300 -45.18 -14.42 18.69
CA LYS B 300 -46.52 -14.11 18.19
C LYS B 300 -47.44 -13.45 19.22
N GLY B 301 -46.95 -13.25 20.45
CA GLY B 301 -47.73 -12.57 21.47
C GLY B 301 -48.49 -13.53 22.39
N ILE B 302 -48.85 -13.06 23.58
CA ILE B 302 -49.43 -13.93 24.60
C ILE B 302 -50.86 -13.51 24.97
N ASP B 303 -51.73 -14.50 25.14
CA ASP B 303 -53.12 -14.27 25.54
C ASP B 303 -53.27 -14.22 27.06
N ASP B 304 -54.32 -13.53 27.50
CA ASP B 304 -54.60 -13.29 28.92
C ASP B 304 -54.54 -14.54 29.80
N ILE B 305 -55.04 -15.66 29.30
CA ILE B 305 -55.02 -16.90 30.07
C ILE B 305 -53.57 -17.32 30.31
N ALA B 306 -52.81 -17.37 29.24
CA ALA B 306 -51.38 -17.65 29.32
C ALA B 306 -50.69 -16.62 30.22
N GLN B 307 -51.14 -15.37 30.13
CA GLN B 307 -50.59 -14.32 30.97
C GLN B 307 -50.83 -14.63 32.45
N HIS B 308 -52.05 -15.04 32.78
CA HIS B 308 -52.37 -15.35 34.17
C HIS B 308 -51.58 -16.55 34.65
N PHE B 309 -51.51 -17.59 33.83
CA PHE B 309 -50.73 -18.77 34.20
C PHE B 309 -49.27 -18.39 34.44
N LEU B 310 -48.70 -17.65 33.49
CA LEU B 310 -47.34 -17.15 33.62
C LEU B 310 -47.21 -16.29 34.88
N ALA B 311 -48.24 -15.51 35.17
CA ALA B 311 -48.24 -14.65 36.34
C ALA B 311 -48.27 -15.51 37.60
N LYS B 312 -48.99 -16.63 37.55
CA LYS B 312 -49.02 -17.54 38.68
C LYS B 312 -47.65 -18.16 38.89
N LYS B 313 -47.06 -18.66 37.81
CA LYS B 313 -45.75 -19.28 37.88
C LYS B 313 -44.66 -18.25 38.15
N GLY B 314 -45.00 -16.97 38.02
CA GLY B 314 -44.05 -15.90 38.28
C GLY B 314 -43.05 -15.72 37.16
N ILE B 315 -43.53 -15.83 35.92
CA ILE B 315 -42.68 -15.71 34.75
C ILE B 315 -42.88 -14.34 34.12
N LEU B 316 -41.78 -13.78 33.60
CA LEU B 316 -41.84 -12.47 32.95
C LEU B 316 -42.30 -12.61 31.51
N ALA B 317 -43.52 -12.18 31.24
CA ALA B 317 -44.09 -12.26 29.90
C ALA B 317 -43.74 -11.02 29.08
N VAL B 318 -43.49 -11.22 27.79
CA VAL B 318 -43.20 -10.12 26.88
C VAL B 318 -44.04 -10.27 25.61
N ARG B 319 -44.57 -9.14 25.14
CA ARG B 319 -45.42 -9.13 23.95
C ARG B 319 -44.65 -9.55 22.71
N ARG B 320 -45.36 -9.63 21.59
CA ARG B 320 -44.76 -10.13 20.36
C ARG B 320 -43.71 -9.16 19.83
N VAL B 321 -42.65 -9.72 19.26
CA VAL B 321 -41.54 -8.93 18.71
C VAL B 321 -41.27 -9.31 17.26
N LYS B 322 -40.53 -8.47 16.56
CA LYS B 322 -40.24 -8.69 15.14
C LYS B 322 -39.29 -9.87 14.96
N ARG B 323 -39.38 -10.52 13.80
CA ARG B 323 -38.51 -11.65 13.50
C ARG B 323 -37.05 -11.21 13.50
N SER B 324 -36.79 -10.07 12.88
CA SER B 324 -35.45 -9.51 12.82
C SER B 324 -34.89 -9.25 14.22
N ASP B 325 -35.77 -8.99 15.18
CA ASP B 325 -35.36 -8.74 16.56
C ASP B 325 -35.04 -10.05 17.29
N ILE B 326 -35.97 -10.99 17.20
CA ILE B 326 -35.83 -12.26 17.91
C ILE B 326 -34.61 -13.02 17.39
N GLU B 327 -34.42 -13.01 16.07
CA GLU B 327 -33.28 -13.67 15.45
C GLU B 327 -31.97 -13.15 16.02
N LYS B 328 -31.90 -11.84 16.24
CA LYS B 328 -30.73 -11.24 16.87
C LYS B 328 -30.60 -11.71 18.30
N LEU B 329 -31.71 -11.67 19.04
CA LEU B 329 -31.66 -12.10 20.43
C LEU B 329 -31.15 -13.54 20.64
N GLU B 330 -31.73 -14.52 19.95
CA GLU B 330 -31.42 -15.92 20.26
C GLU B 330 -29.93 -16.28 20.21
N LYS B 331 -29.19 -15.69 19.26
CA LYS B 331 -27.78 -16.06 19.08
C LYS B 331 -26.92 -15.56 20.22
N ALA B 332 -27.18 -14.34 20.68
CA ALA B 332 -26.50 -13.85 21.87
C ALA B 332 -26.96 -14.68 23.06
N LEU B 333 -28.26 -14.71 23.28
CA LEU B 333 -28.84 -15.39 24.42
C LEU B 333 -28.56 -16.90 24.46
N GLY B 334 -27.91 -17.42 23.42
CA GLY B 334 -27.56 -18.83 23.38
C GLY B 334 -28.79 -19.74 23.37
N ALA B 335 -29.93 -19.18 22.97
CA ALA B 335 -31.18 -19.91 22.90
C ALA B 335 -31.52 -20.27 21.47
N ARG B 336 -32.63 -20.99 21.28
CA ARG B 336 -33.08 -21.39 19.96
C ARG B 336 -34.58 -21.19 19.83
N ILE B 337 -34.98 -20.58 18.72
CA ILE B 337 -36.39 -20.32 18.44
C ILE B 337 -37.17 -21.63 18.43
N ILE B 338 -37.94 -21.86 19.49
CA ILE B 338 -38.72 -23.10 19.62
C ILE B 338 -39.93 -23.07 18.71
N SER B 339 -39.98 -24.01 17.78
CA SER B 339 -41.12 -24.14 16.88
C SER B 339 -42.33 -24.69 17.63
N SER B 340 -42.06 -25.55 18.61
CA SER B 340 -43.12 -26.27 19.32
C SER B 340 -42.68 -26.62 20.74
N ILE B 341 -43.46 -26.19 21.73
CA ILE B 341 -43.09 -26.35 23.13
C ILE B 341 -43.20 -27.81 23.58
N LYS B 342 -44.06 -28.58 22.94
CA LYS B 342 -44.20 -30.01 23.24
C LYS B 342 -42.88 -30.73 23.02
N ASP B 343 -42.14 -30.28 22.00
CA ASP B 343 -40.87 -30.88 21.64
C ASP B 343 -39.68 -30.11 22.21
N ALA B 344 -39.99 -29.07 22.99
CA ALA B 344 -38.95 -28.20 23.54
C ALA B 344 -38.03 -28.95 24.50
N THR B 345 -36.90 -28.31 24.82
CA THR B 345 -35.90 -28.90 25.70
C THR B 345 -34.98 -27.80 26.25
N PRO B 346 -34.45 -27.98 27.47
CA PRO B 346 -33.55 -26.99 28.07
C PRO B 346 -32.34 -26.63 27.20
N GLU B 347 -32.09 -27.38 26.15
CA GLU B 347 -31.04 -27.02 25.20
C GLU B 347 -31.36 -25.67 24.56
N ASP B 348 -32.65 -25.44 24.35
CA ASP B 348 -33.11 -24.19 23.74
C ASP B 348 -33.23 -23.07 24.76
N LEU B 349 -32.92 -23.37 26.02
CA LEU B 349 -33.04 -22.39 27.09
C LEU B 349 -31.86 -21.42 27.07
N GLY B 350 -32.18 -20.13 27.01
CA GLY B 350 -31.17 -19.09 27.08
C GLY B 350 -30.95 -18.63 28.51
N TYR B 351 -30.22 -17.54 28.66
CA TYR B 351 -29.93 -16.99 29.99
C TYR B 351 -29.38 -15.58 29.88
N ALA B 352 -29.67 -14.77 30.90
CA ALA B 352 -29.12 -13.42 31.02
C ALA B 352 -28.93 -13.09 32.48
N GLU B 353 -27.94 -12.23 32.77
CA GLU B 353 -27.63 -11.88 34.14
C GLU B 353 -28.77 -11.12 34.83
N LEU B 354 -29.36 -10.17 34.12
CA LEU B 354 -30.43 -9.36 34.68
C LEU B 354 -31.41 -8.89 33.62
N VAL B 355 -32.69 -8.82 33.99
CA VAL B 355 -33.72 -8.25 33.13
C VAL B 355 -34.58 -7.31 33.96
N GLU B 356 -34.92 -6.15 33.40
CA GLU B 356 -35.68 -5.15 34.18
C GLU B 356 -36.61 -4.28 33.35
N GLU B 357 -37.86 -4.16 33.78
CA GLU B 357 -38.81 -3.22 33.20
C GLU B 357 -38.49 -1.82 33.72
N ARG B 358 -37.73 -1.06 32.93
CA ARG B 358 -37.27 0.25 33.35
C ARG B 358 -38.03 1.38 32.68
N ARG B 359 -38.19 2.48 33.40
CA ARG B 359 -38.84 3.67 32.86
C ARG B 359 -37.84 4.47 32.05
N VAL B 360 -38.23 4.85 30.84
CA VAL B 360 -37.37 5.61 29.94
C VAL B 360 -38.15 6.74 29.29
N GLY B 361 -38.19 7.90 29.94
CA GLY B 361 -38.94 9.03 29.45
C GLY B 361 -40.44 8.76 29.46
N ASN B 362 -40.93 8.27 30.59
CA ASN B 362 -42.33 7.89 30.73
C ASN B 362 -42.75 6.87 29.68
N ASP B 363 -41.83 5.96 29.38
CA ASP B 363 -42.09 4.87 28.45
C ASP B 363 -41.39 3.61 28.98
N LYS B 364 -42.18 2.71 29.56
CA LYS B 364 -41.62 1.50 30.17
C LYS B 364 -41.02 0.59 29.11
N MET B 365 -39.84 0.05 29.40
CA MET B 365 -39.13 -0.81 28.46
C MET B 365 -38.41 -1.94 29.17
N VAL B 366 -38.36 -3.11 28.52
CA VAL B 366 -37.65 -4.26 29.07
C VAL B 366 -36.17 -4.20 28.70
N PHE B 367 -35.33 -4.12 29.73
CA PHE B 367 -33.88 -4.08 29.58
C PHE B 367 -33.27 -5.44 29.90
N ILE B 368 -32.34 -5.86 29.05
CA ILE B 368 -31.59 -7.11 29.24
C ILE B 368 -30.12 -6.78 29.45
N GLU B 369 -29.51 -7.31 30.51
CA GLU B 369 -28.13 -6.95 30.85
C GLU B 369 -27.19 -8.14 30.95
N GLY B 370 -26.02 -8.00 30.32
CA GLY B 370 -24.92 -8.94 30.46
C GLY B 370 -25.28 -10.39 30.21
N ALA B 371 -25.76 -10.69 29.00
CA ALA B 371 -26.19 -12.03 28.65
C ALA B 371 -25.23 -12.71 27.68
N LYS B 372 -24.54 -13.74 28.17
CA LYS B 372 -23.76 -14.63 27.30
C LYS B 372 -22.67 -13.89 26.54
N ASN B 373 -22.77 -13.88 25.21
CA ASN B 373 -21.90 -13.04 24.40
C ASN B 373 -22.44 -11.62 24.38
N LEU B 374 -21.90 -10.77 25.25
CA LEU B 374 -22.36 -9.39 25.38
C LEU B 374 -22.20 -8.63 24.06
N LYS B 375 -21.12 -8.92 23.36
CA LYS B 375 -20.83 -8.29 22.07
C LYS B 375 -20.90 -6.76 22.20
N ALA B 376 -21.85 -6.14 21.50
CA ALA B 376 -21.96 -4.68 21.48
C ALA B 376 -22.83 -4.17 22.61
N VAL B 377 -22.58 -2.94 23.03
CA VAL B 377 -23.43 -2.26 23.99
C VAL B 377 -24.52 -1.52 23.23
N ASN B 378 -25.77 -1.71 23.64
CA ASN B 378 -26.89 -1.14 22.92
C ASN B 378 -27.34 0.21 23.49
N ILE B 379 -27.34 1.21 22.61
CA ILE B 379 -27.88 2.52 22.94
C ILE B 379 -29.32 2.65 22.49
N LEU B 380 -30.20 3.02 23.41
CA LEU B 380 -31.51 3.51 23.02
C LEU B 380 -31.40 5.02 22.88
N LEU B 381 -31.50 5.47 21.63
CA LEU B 381 -31.36 6.88 21.30
C LEU B 381 -32.73 7.52 21.11
N ARG B 382 -33.13 8.32 22.09
CA ARG B 382 -34.45 8.95 22.07
C ARG B 382 -34.42 10.32 21.39
N GLY B 383 -34.73 10.34 20.10
CA GLY B 383 -34.75 11.57 19.33
C GLY B 383 -36.15 12.13 19.18
N SER B 384 -36.33 13.38 19.59
CA SER B 384 -37.62 14.06 19.45
C SER B 384 -37.93 14.37 17.97
N ASN B 385 -36.89 14.36 17.15
CA ASN B 385 -37.02 14.59 15.72
C ASN B 385 -35.92 13.85 14.97
N ASP B 386 -36.19 13.48 13.72
CA ASP B 386 -35.22 12.73 12.92
C ASP B 386 -33.89 13.46 12.80
N MET B 387 -33.96 14.79 12.78
CA MET B 387 -32.76 15.62 12.71
C MET B 387 -31.91 15.44 13.95
N ALA B 388 -32.48 15.72 15.11
CA ALA B 388 -31.76 15.58 16.39
C ALA B 388 -31.32 14.13 16.59
N LEU B 389 -32.13 13.22 16.07
CA LEU B 389 -31.83 11.79 16.12
C LEU B 389 -30.54 11.47 15.36
N ASP B 390 -30.54 11.76 14.06
CA ASP B 390 -29.38 11.54 13.22
C ASP B 390 -28.19 12.38 13.69
N GLU B 391 -28.48 13.54 14.25
CA GLU B 391 -27.44 14.42 14.78
C GLU B 391 -26.75 13.76 15.97
N ALA B 392 -27.55 13.27 16.91
CA ALA B 392 -27.01 12.58 18.08
C ALA B 392 -26.21 11.36 17.65
N GLU B 393 -26.79 10.55 16.77
CA GLU B 393 -26.09 9.39 16.23
C GLU B 393 -24.74 9.80 15.64
N ARG B 394 -24.77 10.80 14.77
CA ARG B 394 -23.55 11.32 14.14
C ARG B 394 -22.53 11.73 15.19
N SER B 395 -22.97 12.51 16.18
CA SER B 395 -22.10 12.97 17.25
C SER B 395 -21.42 11.80 17.94
N ILE B 396 -22.23 10.84 18.39
CA ILE B 396 -21.70 9.66 19.05
C ILE B 396 -20.70 8.94 18.15
N ASN B 397 -21.04 8.80 16.88
CA ASN B 397 -20.13 8.15 15.93
C ASN B 397 -18.78 8.85 15.84
N ASP B 398 -18.80 10.14 15.56
CA ASP B 398 -17.57 10.91 15.45
C ASP B 398 -16.76 10.83 16.74
N ALA B 399 -17.42 11.07 17.86
CA ALA B 399 -16.77 11.01 19.16
C ALA B 399 -16.09 9.65 19.34
N LEU B 400 -16.83 8.59 19.03
CA LEU B 400 -16.30 7.23 19.15
C LEU B 400 -15.08 7.02 18.26
N HIS B 401 -15.18 7.44 17.01
CA HIS B 401 -14.07 7.28 16.08
C HIS B 401 -12.82 8.00 16.58
N ALA B 402 -12.98 9.26 16.97
CA ALA B 402 -11.86 10.06 17.46
C ALA B 402 -11.25 9.44 18.71
N LEU B 403 -12.11 9.14 19.69
CA LEU B 403 -11.65 8.53 20.93
C LEU B 403 -10.95 7.21 20.64
N ARG B 404 -11.45 6.46 19.66
CA ARG B 404 -10.78 5.23 19.23
C ARG B 404 -9.38 5.54 18.73
N ASN B 405 -9.29 6.51 17.81
CA ASN B 405 -8.00 6.89 17.26
C ASN B 405 -6.99 7.33 18.31
N ILE B 406 -7.42 8.12 19.29
CA ILE B 406 -6.51 8.51 20.36
C ILE B 406 -6.22 7.34 21.29
N LEU B 407 -7.21 6.48 21.53
CA LEU B 407 -7.01 5.36 22.43
C LEU B 407 -6.06 4.30 21.85
N LEU B 408 -6.09 4.10 20.54
CA LEU B 408 -5.17 3.16 19.91
C LEU B 408 -3.72 3.52 20.20
N GLU B 409 -3.40 4.80 20.17
CA GLU B 409 -2.07 5.30 20.50
C GLU B 409 -2.16 6.36 21.59
N PRO B 410 -1.98 5.95 22.85
CA PRO B 410 -2.29 6.83 23.98
C PRO B 410 -1.31 7.96 24.20
N VAL B 411 -1.20 8.83 23.20
CA VAL B 411 -0.41 10.05 23.33
C VAL B 411 -1.12 11.16 22.57
N ILE B 412 -1.36 12.28 23.24
CA ILE B 412 -2.06 13.41 22.64
C ILE B 412 -1.10 14.52 22.23
N LEU B 413 -1.48 15.26 21.21
CA LEU B 413 -0.67 16.35 20.69
C LEU B 413 -1.47 17.65 20.74
N PRO B 414 -0.78 18.78 21.00
CA PRO B 414 -1.50 20.06 21.06
C PRO B 414 -1.96 20.51 19.69
N GLY B 415 -3.27 20.45 19.45
CA GLY B 415 -3.83 20.81 18.17
C GLY B 415 -3.80 22.31 17.93
N GLY B 416 -4.63 22.77 17.01
CA GLY B 416 -4.66 24.18 16.67
C GLY B 416 -3.38 24.64 16.02
N GLY B 417 -2.61 23.67 15.51
CA GLY B 417 -1.40 23.98 14.77
C GLY B 417 -0.17 24.13 15.64
N ALA B 418 -0.32 23.93 16.95
CA ALA B 418 0.79 24.12 17.89
C ALA B 418 1.94 23.15 17.64
N ILE B 419 1.61 21.88 17.49
CA ILE B 419 2.63 20.85 17.33
C ILE B 419 3.39 21.06 16.03
N GLU B 420 2.72 21.56 15.01
CA GLU B 420 3.39 21.86 13.75
C GLU B 420 4.46 22.92 13.96
N LEU B 421 4.10 23.98 14.67
CA LEU B 421 5.04 25.06 14.96
C LEU B 421 6.20 24.53 15.79
N GLU B 422 5.89 23.76 16.82
CA GLU B 422 6.93 23.17 17.66
C GLU B 422 7.91 22.37 16.80
N LEU B 423 7.35 21.48 15.97
CA LEU B 423 8.15 20.69 15.07
C LEU B 423 9.00 21.59 14.18
N ALA B 424 8.40 22.65 13.64
CA ALA B 424 9.13 23.57 12.79
C ALA B 424 10.34 24.16 13.52
N MET B 425 10.13 24.62 14.74
CA MET B 425 11.24 25.12 15.57
C MET B 425 12.33 24.06 15.72
N LYS B 426 11.92 22.87 16.15
CA LYS B 426 12.86 21.77 16.35
C LYS B 426 13.55 21.37 15.05
N LEU B 427 12.83 21.48 13.93
CA LEU B 427 13.37 21.06 12.64
C LEU B 427 14.32 22.10 12.08
N ARG B 428 14.09 23.37 12.41
CA ARG B 428 15.06 24.40 12.08
C ARG B 428 16.32 24.18 12.91
N GLU B 429 16.13 23.97 14.20
CA GLU B 429 17.24 23.66 15.08
C GLU B 429 18.01 22.46 14.55
N TYR B 430 17.28 21.45 14.09
CA TYR B 430 17.89 20.25 13.52
C TYR B 430 18.52 20.54 12.15
N ALA B 431 17.90 21.44 11.40
CA ALA B 431 18.41 21.79 10.08
C ALA B 431 19.75 22.48 10.19
N ARG B 432 19.90 23.31 11.22
CA ARG B 432 21.18 23.99 11.47
C ARG B 432 22.36 23.03 11.51
N SER B 433 22.16 21.84 12.10
CA SER B 433 23.26 20.90 12.29
C SER B 433 23.49 20.02 11.06
N VAL B 434 22.73 20.27 10.00
CA VAL B 434 22.98 19.66 8.70
C VAL B 434 23.48 20.73 7.73
N GLY B 435 24.35 20.36 6.82
CA GLY B 435 24.97 21.33 5.93
C GLY B 435 24.45 21.21 4.52
N GLY B 436 25.18 21.81 3.59
CA GLY B 436 24.90 21.71 2.18
C GLY B 436 23.52 22.24 1.81
N LYS B 437 23.06 21.85 0.64
CA LYS B 437 21.76 22.28 0.14
C LYS B 437 20.63 21.63 0.95
N GLU B 438 20.96 20.62 1.75
CA GLU B 438 19.94 19.92 2.51
C GLU B 438 19.49 20.73 3.72
N GLN B 439 20.33 21.64 4.19
CA GLN B 439 19.96 22.52 5.27
C GLN B 439 18.78 23.38 4.83
N LEU B 440 18.72 23.66 3.53
CA LEU B 440 17.65 24.48 2.99
C LEU B 440 16.42 23.65 2.67
N ALA B 441 16.63 22.37 2.43
CA ALA B 441 15.53 21.46 2.14
C ALA B 441 14.74 21.18 3.41
N ILE B 442 15.45 20.96 4.51
CA ILE B 442 14.79 20.72 5.79
C ILE B 442 14.08 21.98 6.25
N GLU B 443 14.78 23.11 6.22
CA GLU B 443 14.19 24.38 6.57
C GLU B 443 12.94 24.65 5.75
N ALA B 444 12.92 24.16 4.52
CA ALA B 444 11.75 24.30 3.65
C ALA B 444 10.64 23.33 4.04
N PHE B 445 11.02 22.28 4.76
CA PHE B 445 10.02 21.34 5.28
C PHE B 445 9.34 22.00 6.46
N ALA B 446 10.11 22.76 7.23
CA ALA B 446 9.57 23.45 8.38
C ALA B 446 8.62 24.55 7.94
N ASP B 447 9.01 25.29 6.91
CA ASP B 447 8.20 26.39 6.42
C ASP B 447 6.84 25.91 5.91
N ALA B 448 6.77 24.64 5.56
CA ALA B 448 5.53 24.06 5.06
C ALA B 448 4.60 23.74 6.22
N LEU B 449 5.14 23.13 7.26
CA LEU B 449 4.35 22.82 8.44
C LEU B 449 3.64 24.07 8.95
N GLU B 450 4.38 25.16 9.02
CA GLU B 450 3.85 26.41 9.51
C GLU B 450 2.70 26.95 8.65
N GLU B 451 2.44 26.33 7.50
CA GLU B 451 1.30 26.75 6.69
C GLU B 451 0.00 26.25 7.30
N ILE B 452 0.07 25.24 8.15
CA ILE B 452 -1.13 24.73 8.77
C ILE B 452 -1.66 25.74 9.81
N PRO B 453 -0.79 26.21 10.72
CA PRO B 453 -1.23 27.29 11.61
C PRO B 453 -1.74 28.49 10.81
N LEU B 454 -1.00 28.85 9.77
CA LEU B 454 -1.35 29.99 8.94
C LEU B 454 -2.74 29.82 8.35
N ILE B 455 -2.93 28.75 7.59
CA ILE B 455 -4.22 28.48 6.96
C ILE B 455 -5.31 28.31 8.00
N LEU B 456 -5.02 27.53 9.03
CA LEU B 456 -6.01 27.17 10.05
C LEU B 456 -6.55 28.42 10.75
N ALA B 457 -5.68 29.40 10.97
CA ALA B 457 -6.09 30.66 11.57
C ALA B 457 -6.86 31.49 10.54
N GLU B 458 -6.35 31.50 9.32
CA GLU B 458 -6.96 32.28 8.25
C GLU B 458 -8.42 31.92 8.08
N THR B 459 -8.77 30.65 8.31
CA THR B 459 -10.15 30.21 8.22
C THR B 459 -11.00 30.96 9.25
N ALA B 460 -10.37 31.32 10.36
CA ALA B 460 -11.07 32.04 11.41
C ALA B 460 -11.08 33.53 11.14
N GLY B 461 -10.64 33.92 9.95
CA GLY B 461 -10.66 35.31 9.54
C GLY B 461 -9.53 36.16 10.12
N LEU B 462 -8.59 35.51 10.80
CA LEU B 462 -7.44 36.21 11.35
C LEU B 462 -6.41 36.45 10.26
N GLU B 463 -5.58 37.47 10.44
CA GLU B 463 -4.53 37.78 9.47
C GLU B 463 -3.53 36.65 9.39
N ALA B 464 -3.33 36.13 8.18
CA ALA B 464 -2.50 34.96 7.97
C ALA B 464 -1.04 35.18 8.40
N ILE B 465 -0.63 36.44 8.46
CA ILE B 465 0.77 36.77 8.75
C ILE B 465 1.01 37.05 10.22
N SER B 466 0.40 38.10 10.74
CA SER B 466 0.63 38.55 12.12
C SER B 466 0.36 37.45 13.12
N SER B 467 -0.64 36.62 12.82
CA SER B 467 -0.96 35.49 13.68
C SER B 467 0.25 34.56 13.80
N LEU B 468 0.88 34.28 12.66
CA LEU B 468 1.99 33.34 12.63
C LEU B 468 3.19 33.86 13.41
N MET B 469 3.49 35.15 13.27
CA MET B 469 4.62 35.74 13.97
C MET B 469 4.31 35.86 15.45
N ASP B 470 3.06 36.21 15.77
CA ASP B 470 2.63 36.22 17.15
C ASP B 470 2.81 34.83 17.76
N LEU B 471 2.40 33.82 17.02
CA LEU B 471 2.58 32.43 17.44
C LEU B 471 4.05 32.12 17.68
N ARG B 472 4.88 32.37 16.67
CA ARG B 472 6.31 32.16 16.79
C ARG B 472 6.84 32.81 18.06
N ALA B 473 6.45 34.06 18.30
CA ALA B 473 6.88 34.77 19.48
C ALA B 473 6.45 34.03 20.75
N ARG B 474 5.15 33.76 20.85
CA ARG B 474 4.62 33.06 22.01
C ARG B 474 5.23 31.67 22.17
N HIS B 475 5.62 31.08 21.05
CA HIS B 475 6.04 29.68 21.04
C HIS B 475 7.50 29.55 21.41
N ALA B 476 8.37 30.26 20.68
CA ALA B 476 9.79 30.20 20.92
C ALA B 476 10.15 30.71 22.31
N LYS B 477 9.30 31.56 22.85
CA LYS B 477 9.55 32.18 24.15
C LYS B 477 8.63 31.62 25.22
N GLY B 478 7.88 30.57 24.91
CA GLY B 478 6.91 30.01 25.83
C GLY B 478 6.67 28.53 25.66
N LEU B 479 5.45 28.10 25.95
CA LEU B 479 5.10 26.69 25.89
C LEU B 479 4.87 26.24 24.46
N SER B 480 5.11 24.96 24.22
CA SER B 480 4.87 24.36 22.92
C SER B 480 3.38 24.22 22.65
N ASN B 481 2.56 24.45 23.67
CA ASN B 481 1.13 24.26 23.55
C ASN B 481 0.41 25.48 22.98
N THR B 482 1.18 26.51 22.65
CA THR B 482 0.60 27.71 22.05
C THR B 482 0.06 27.38 20.66
N GLY B 483 -1.22 27.68 20.44
CA GLY B 483 -1.85 27.34 19.18
C GLY B 483 -3.00 28.26 18.80
N VAL B 484 -3.87 27.76 17.93
CA VAL B 484 -4.97 28.56 17.37
C VAL B 484 -6.33 27.95 17.62
N ASP B 485 -7.17 28.66 18.37
CA ASP B 485 -8.56 28.26 18.55
C ASP B 485 -9.41 28.83 17.44
N VAL B 486 -9.76 27.98 16.48
CA VAL B 486 -10.50 28.39 15.30
C VAL B 486 -11.95 28.70 15.63
N ILE B 487 -12.53 27.88 16.50
CA ILE B 487 -13.91 28.08 16.93
C ILE B 487 -14.06 29.47 17.49
N GLY B 488 -13.32 29.76 18.56
CA GLY B 488 -13.33 31.06 19.17
C GLY B 488 -12.68 32.12 18.29
N GLY B 489 -11.87 31.66 17.33
CA GLY B 489 -11.16 32.57 16.45
C GLY B 489 -10.16 33.41 17.20
N LYS B 490 -9.23 32.76 17.89
CA LYS B 490 -8.22 33.46 18.66
C LYS B 490 -7.00 32.58 18.92
N ILE B 491 -5.85 33.22 19.11
CA ILE B 491 -4.62 32.51 19.44
C ILE B 491 -4.58 32.19 20.93
N VAL B 492 -4.31 30.93 21.25
CA VAL B 492 -4.34 30.46 22.63
C VAL B 492 -2.94 30.10 23.12
N ASP B 493 -2.60 30.56 24.32
CA ASP B 493 -1.28 30.29 24.89
C ASP B 493 -1.09 28.82 25.19
N ASP B 494 -2.18 28.15 25.57
CA ASP B 494 -2.14 26.71 25.80
C ASP B 494 -3.42 26.08 25.29
N VAL B 495 -3.30 25.28 24.24
CA VAL B 495 -4.47 24.71 23.56
C VAL B 495 -5.04 23.51 24.30
N TYR B 496 -4.26 22.89 25.17
CA TYR B 496 -4.76 21.79 26.00
C TYR B 496 -5.82 22.31 26.95
N ALA B 497 -5.64 23.54 27.41
CA ALA B 497 -6.59 24.16 28.32
C ALA B 497 -7.92 24.45 27.63
N LEU B 498 -7.85 24.68 26.32
CA LEU B 498 -9.04 24.91 25.52
C LEU B 498 -9.58 23.60 24.95
N ASN B 499 -9.04 22.49 25.43
CA ASN B 499 -9.42 21.16 24.97
C ASN B 499 -9.30 21.02 23.46
N ILE B 500 -8.14 21.43 22.94
CA ILE B 500 -7.79 21.19 21.55
C ILE B 500 -6.70 20.13 21.52
N ILE B 501 -7.09 18.93 21.12
CA ILE B 501 -6.21 17.77 21.20
C ILE B 501 -6.19 17.03 19.87
N GLU B 502 -5.02 16.52 19.51
CA GLU B 502 -4.88 15.74 18.29
C GLU B 502 -4.13 14.42 18.56
N PRO B 503 -4.69 13.29 18.08
CA PRO B 503 -3.99 12.01 18.25
C PRO B 503 -2.67 11.97 17.51
N ILE B 504 -1.74 11.15 17.99
CA ILE B 504 -0.44 11.02 17.36
C ILE B 504 -0.54 10.06 16.16
N ARG B 505 -1.39 9.05 16.31
CA ARG B 505 -1.60 8.05 15.27
C ARG B 505 -2.01 8.69 13.95
N VAL B 506 -2.84 9.71 14.03
CA VAL B 506 -3.28 10.43 12.84
C VAL B 506 -2.14 11.27 12.31
N LYS B 507 -1.56 12.09 13.18
CA LYS B 507 -0.54 13.05 12.79
C LYS B 507 0.62 12.40 12.07
N SER B 508 1.17 11.35 12.66
CA SER B 508 2.31 10.68 12.06
C SER B 508 1.95 10.18 10.65
N GLN B 509 0.75 9.63 10.51
CA GLN B 509 0.31 9.10 9.23
C GLN B 509 0.14 10.21 8.21
N VAL B 510 -0.44 11.32 8.65
CA VAL B 510 -0.58 12.49 7.78
C VAL B 510 0.77 12.92 7.29
N LEU B 511 1.70 13.10 8.23
CA LEU B 511 3.06 13.46 7.91
C LEU B 511 3.64 12.49 6.88
N LYS B 512 3.51 11.20 7.16
CA LYS B 512 4.00 10.15 6.28
C LYS B 512 3.47 10.30 4.86
N SER B 513 2.14 10.17 4.72
CA SER B 513 1.52 10.20 3.40
C SER B 513 1.80 11.51 2.68
N ALA B 514 1.81 12.62 3.41
CA ALA B 514 2.13 13.91 2.81
C ALA B 514 3.53 13.90 2.23
N THR B 515 4.49 13.48 3.05
CA THR B 515 5.88 13.37 2.61
C THR B 515 5.99 12.48 1.38
N GLU B 516 5.39 11.30 1.46
CA GLU B 516 5.39 10.37 0.34
C GLU B 516 4.86 11.04 -0.92
N ALA B 517 3.75 11.73 -0.79
CA ALA B 517 3.13 12.41 -1.93
C ALA B 517 4.07 13.44 -2.54
N ALA B 518 4.46 14.42 -1.74
CA ALA B 518 5.32 15.50 -2.23
C ALA B 518 6.60 14.94 -2.84
N THR B 519 7.16 13.92 -2.19
CA THR B 519 8.32 13.21 -2.70
C THR B 519 8.03 12.67 -4.09
N ALA B 520 7.01 11.83 -4.19
CA ALA B 520 6.67 11.19 -5.44
C ALA B 520 6.44 12.21 -6.56
N ILE B 521 5.86 13.35 -6.21
CA ILE B 521 5.70 14.41 -7.20
C ILE B 521 7.04 14.98 -7.64
N LEU B 522 7.87 15.34 -6.67
CA LEU B 522 9.18 15.92 -6.95
C LEU B 522 10.12 14.97 -7.71
N LYS B 523 9.92 13.66 -7.51
CA LYS B 523 10.83 12.67 -8.05
C LYS B 523 10.61 12.45 -9.55
N ILE B 524 9.43 12.82 -10.05
CA ILE B 524 9.10 12.59 -11.45
C ILE B 524 9.70 13.65 -12.36
N ASP B 525 10.54 13.21 -13.28
CA ASP B 525 11.30 14.10 -14.14
C ASP B 525 10.41 14.76 -15.19
N ASP B 526 9.80 13.94 -16.05
CA ASP B 526 8.90 14.45 -17.08
C ASP B 526 7.94 13.36 -17.57
N LEU B 527 7.07 13.73 -18.50
CA LEU B 527 6.08 12.81 -19.05
C LEU B 527 6.55 12.22 -20.37
N ILE B 528 6.11 10.99 -20.64
CA ILE B 528 6.45 10.29 -21.87
C ILE B 528 5.22 9.64 -22.47
N ALA B 529 5.04 9.81 -23.78
CA ALA B 529 3.94 9.17 -24.49
C ALA B 529 4.16 7.67 -24.54
N ALA B 530 3.13 6.90 -24.21
CA ALA B 530 3.24 5.46 -24.14
C ALA B 530 2.19 4.77 -25.00
N ALA B 531 2.28 3.45 -25.08
CA ALA B 531 1.30 2.64 -25.78
C ALA B 531 0.60 1.72 -24.80
N PRO B 532 -0.74 1.68 -24.83
CA PRO B 532 -1.46 0.79 -23.91
C PRO B 532 -1.03 -0.68 -24.04
#